data_6IAU
#
_entry.id   6IAU
#
_cell.length_a   51.000
_cell.length_b   87.000
_cell.length_c   143.000
_cell.angle_alpha   90.00
_cell.angle_beta   90.00
_cell.angle_gamma   90.00
#
_symmetry.space_group_name_H-M   'P 21 21 21'
#
loop_
_entity.id
_entity.type
_entity.pdbx_description
1 polymer 'Amine Dehydrogenase'
2 non-polymer 'NADP NICOTINAMIDE-ADENINE-DINUCLEOTIDE PHOSPHATE'
3 non-polymer 'CYCLOHEXYLAMMONIUM ION'
4 water water
#
_entity_poly.entity_id   1
_entity_poly.type   'polypeptide(L)'
_entity_poly.pdbx_seq_one_letter_code
;VPRGSSKRPIRIIQWGCGLMGQTLIRTLREKGAELVGAIDHNAARRDRDAGEVAGLGQSLGVRIHPPDQADAVFREARAD
VCILCTRSIMSELAGALRVAARHGVNAITIGEEAFYPWTTSQALTEELDQLARANDCTLTGSGFQDVFWGNLITVLAGAT
HRIDRIVGLTQYNADDYGSALAQKHGVGLDPETFAARIGASNSPSYVWNSNEWLCAQLGWRVRDIRQQLLPTTHTGTLRS
ASLGREVPAGHATGMKAVVVTETHEGPVIETHCVGKLYAPGEVDLNEWTLRGEPDTTVTIRQPATPALTCATVLNRLPQL
LAAPPGFVTTDRFTPATYVSRLETEA
;
_entity_poly.pdbx_strand_id   A,B
#
loop_
_chem_comp.id
_chem_comp.type
_chem_comp.name
_chem_comp.formula
HAI non-polymer 'CYCLOHEXYLAMMONIUM ION' 'C6 H14 N 1'
NAP non-polymer 'NADP NICOTINAMIDE-ADENINE-DINUCLEOTIDE PHOSPHATE' 'C21 H28 N7 O17 P3'
#
# COMPACT_ATOMS: atom_id res chain seq x y z
N LYS A 7 9.73 -18.64 -22.06
CA LYS A 7 8.93 -18.60 -20.79
C LYS A 7 7.85 -19.70 -20.87
N ARG A 8 7.47 -20.30 -19.75
CA ARG A 8 6.40 -21.34 -19.72
C ARG A 8 5.41 -21.03 -18.60
N PRO A 9 4.15 -21.49 -18.69
CA PRO A 9 3.17 -21.32 -17.62
C PRO A 9 3.71 -21.89 -16.30
N ILE A 10 3.39 -21.21 -15.20
CA ILE A 10 3.61 -21.78 -13.85
C ILE A 10 2.65 -22.96 -13.70
N ARG A 11 3.18 -24.07 -13.22
CA ARG A 11 2.46 -25.36 -13.07
C ARG A 11 1.94 -25.49 -11.64
N ILE A 12 0.62 -25.56 -11.48
CA ILE A 12 -0.04 -25.42 -10.15
C ILE A 12 -0.80 -26.70 -9.79
N ILE A 13 -0.58 -27.20 -8.58
CA ILE A 13 -1.46 -28.22 -7.93
C ILE A 13 -2.39 -27.45 -7.00
N GLN A 14 -3.71 -27.58 -7.19
CA GLN A 14 -4.70 -26.98 -6.27
C GLN A 14 -5.10 -28.04 -5.23
N TRP A 15 -4.80 -27.75 -3.95
CA TRP A 15 -5.12 -28.68 -2.83
C TRP A 15 -6.22 -28.01 -2.01
N GLY A 16 -7.44 -28.52 -2.14
CA GLY A 16 -8.66 -27.84 -1.66
C GLY A 16 -9.40 -27.26 -2.85
N CYS A 17 -10.46 -27.93 -3.30
CA CYS A 17 -11.23 -27.56 -4.51
C CYS A 17 -12.64 -27.13 -4.10
N GLY A 18 -12.74 -26.49 -2.94
CA GLY A 18 -13.95 -25.81 -2.44
C GLY A 18 -14.11 -24.45 -3.07
N LEU A 19 -14.88 -23.55 -2.43
CA LEU A 19 -15.25 -22.25 -3.03
C LEU A 19 -13.99 -21.48 -3.45
N MET A 20 -13.02 -21.30 -2.55
CA MET A 20 -11.77 -20.55 -2.87
C MET A 20 -10.99 -21.33 -3.93
N GLY A 21 -10.87 -22.66 -3.82
CA GLY A 21 -10.10 -23.50 -4.77
C GLY A 21 -10.69 -23.42 -6.18
N GLN A 22 -12.02 -23.37 -6.26
CA GLN A 22 -12.74 -23.23 -7.56
C GLN A 22 -12.42 -21.86 -8.19
N THR A 23 -12.40 -20.80 -7.37
CA THR A 23 -12.03 -19.45 -7.84
C THR A 23 -10.59 -19.49 -8.36
N LEU A 24 -9.69 -20.11 -7.61
CA LEU A 24 -8.26 -20.15 -8.01
C LEU A 24 -8.09 -20.95 -9.30
N ILE A 25 -8.78 -22.07 -9.46
CA ILE A 25 -8.66 -22.90 -10.70
C ILE A 25 -9.06 -22.02 -11.90
N ARG A 26 -10.21 -21.35 -11.82
CA ARG A 26 -10.70 -20.47 -12.92
C ARG A 26 -9.68 -19.35 -13.14
N THR A 27 -9.26 -18.65 -12.08
CA THR A 27 -8.47 -17.42 -12.22
C THR A 27 -7.02 -17.74 -12.58
N LEU A 28 -6.42 -18.82 -12.10
CA LEU A 28 -4.98 -19.06 -12.41
C LEU A 28 -4.85 -19.26 -13.93
N ARG A 29 -5.84 -19.87 -14.56
CA ARG A 29 -5.78 -20.12 -16.03
C ARG A 29 -5.97 -18.81 -16.77
N GLU A 30 -6.87 -17.95 -16.28
CA GLU A 30 -7.06 -16.58 -16.84
C GLU A 30 -5.74 -15.80 -16.78
N LYS A 31 -4.83 -16.09 -15.84
CA LYS A 31 -3.54 -15.35 -15.76
C LYS A 31 -2.43 -16.14 -16.47
N GLY A 32 -2.75 -17.25 -17.14
CA GLY A 32 -1.78 -17.97 -17.98
C GLY A 32 -1.03 -19.08 -17.24
N ALA A 33 -1.46 -19.46 -16.04
CA ALA A 33 -0.89 -20.64 -15.35
C ALA A 33 -1.61 -21.90 -15.84
N GLU A 34 -1.05 -23.05 -15.52
CA GLU A 34 -1.62 -24.37 -15.91
C GLU A 34 -1.88 -25.18 -14.65
N LEU A 35 -3.11 -25.66 -14.49
CA LEU A 35 -3.45 -26.65 -13.43
C LEU A 35 -2.84 -28.00 -13.81
N VAL A 36 -1.99 -28.58 -12.98
CA VAL A 36 -1.35 -29.90 -13.27
C VAL A 36 -1.74 -30.95 -12.23
N GLY A 37 -2.48 -30.57 -11.18
CA GLY A 37 -2.94 -31.51 -10.17
C GLY A 37 -4.06 -30.90 -9.35
N ALA A 38 -4.87 -31.75 -8.76
CA ALA A 38 -5.99 -31.31 -7.89
C ALA A 38 -6.20 -32.37 -6.83
N ILE A 39 -6.24 -31.92 -5.57
CA ILE A 39 -6.49 -32.77 -4.38
C ILE A 39 -7.65 -32.19 -3.60
N ASP A 40 -8.56 -33.05 -3.16
CA ASP A 40 -9.72 -32.67 -2.32
C ASP A 40 -10.19 -33.96 -1.67
N HIS A 41 -10.52 -33.92 -0.39
CA HIS A 41 -11.02 -35.10 0.36
C HIS A 41 -12.55 -35.20 0.24
N ASN A 42 -13.23 -34.17 -0.28
CA ASN A 42 -14.71 -34.16 -0.35
C ASN A 42 -15.17 -35.26 -1.32
N ALA A 43 -16.06 -36.14 -0.84
CA ALA A 43 -16.61 -37.29 -1.60
C ALA A 43 -17.20 -36.81 -2.93
N ALA A 44 -17.96 -35.72 -2.89
CA ALA A 44 -18.70 -35.16 -4.04
C ALA A 44 -17.76 -34.73 -5.16
N ARG A 45 -16.45 -34.54 -4.89
CA ARG A 45 -15.50 -33.96 -5.87
C ARG A 45 -14.46 -34.99 -6.33
N ARG A 46 -14.19 -36.01 -5.53
CA ARG A 46 -13.20 -37.05 -5.86
C ARG A 46 -13.59 -37.66 -7.21
N ASP A 47 -12.62 -37.73 -8.13
CA ASP A 47 -12.70 -38.42 -9.45
C ASP A 47 -13.30 -37.51 -10.53
N ARG A 48 -13.93 -36.39 -10.16
CA ARG A 48 -14.46 -35.38 -11.11
C ARG A 48 -13.30 -34.57 -11.68
N ASP A 49 -13.49 -33.95 -12.85
CA ASP A 49 -12.47 -33.06 -13.45
C ASP A 49 -12.47 -31.73 -12.68
N ALA A 50 -11.29 -31.24 -12.32
CA ALA A 50 -11.12 -29.99 -11.52
C ALA A 50 -11.74 -28.80 -12.26
N GLY A 51 -11.58 -28.74 -13.58
CA GLY A 51 -12.24 -27.71 -14.41
C GLY A 51 -13.75 -27.75 -14.23
N GLU A 52 -14.35 -28.93 -14.41
CA GLU A 52 -15.80 -29.18 -14.23
C GLU A 52 -16.24 -28.67 -12.85
N VAL A 53 -15.63 -29.16 -11.78
CA VAL A 53 -15.96 -28.75 -10.37
C VAL A 53 -15.82 -27.23 -10.21
N ALA A 54 -14.87 -26.62 -10.89
CA ALA A 54 -14.62 -25.17 -10.79
C ALA A 54 -15.65 -24.40 -11.65
N GLY A 55 -16.42 -25.12 -12.49
CA GLY A 55 -17.53 -24.54 -13.25
C GLY A 55 -17.12 -24.09 -14.63
N LEU A 56 -15.96 -24.53 -15.11
CA LEU A 56 -15.52 -24.36 -16.52
C LEU A 56 -16.40 -25.30 -17.35
N GLY A 57 -16.65 -24.97 -18.62
CA GLY A 57 -17.50 -25.79 -19.51
C GLY A 57 -16.72 -26.87 -20.22
N GLN A 58 -15.40 -26.77 -20.23
CA GLN A 58 -14.48 -27.70 -20.93
C GLN A 58 -13.60 -28.33 -19.85
N SER A 59 -13.61 -29.66 -19.76
CA SER A 59 -12.83 -30.42 -18.74
C SER A 59 -11.35 -30.15 -19.01
N LEU A 60 -10.52 -30.11 -17.96
CA LEU A 60 -9.09 -29.76 -18.06
C LEU A 60 -8.23 -31.02 -18.22
N GLY A 61 -8.79 -32.21 -18.03
CA GLY A 61 -7.98 -33.45 -17.98
C GLY A 61 -7.23 -33.56 -16.66
N VAL A 62 -7.77 -32.99 -15.59
CA VAL A 62 -7.11 -33.00 -14.24
C VAL A 62 -8.13 -33.56 -13.25
N ARG A 63 -7.93 -34.83 -12.89
CA ARG A 63 -8.85 -35.56 -11.99
C ARG A 63 -8.48 -35.14 -10.56
N ILE A 64 -9.50 -34.84 -9.77
CA ILE A 64 -9.35 -34.56 -8.32
C ILE A 64 -9.04 -35.88 -7.61
N HIS A 65 -7.88 -35.95 -6.95
CA HIS A 65 -7.44 -37.11 -6.15
C HIS A 65 -7.72 -36.83 -4.67
N PRO A 66 -8.03 -37.88 -3.90
CA PRO A 66 -8.11 -37.75 -2.45
C PRO A 66 -6.71 -37.54 -1.91
N PRO A 67 -6.57 -36.99 -0.69
CA PRO A 67 -5.24 -36.72 -0.12
C PRO A 67 -4.34 -37.95 0.08
N ASP A 68 -4.91 -39.14 0.33
CA ASP A 68 -4.11 -40.39 0.51
C ASP A 68 -3.38 -40.69 -0.79
N GLN A 69 -3.74 -40.03 -1.91
CA GLN A 69 -3.06 -40.22 -3.22
C GLN A 69 -2.21 -38.98 -3.57
N ALA A 70 -1.93 -38.08 -2.61
CA ALA A 70 -1.24 -36.80 -2.90
C ALA A 70 0.18 -37.08 -3.40
N ASP A 71 0.92 -38.04 -2.82
CA ASP A 71 2.33 -38.30 -3.22
C ASP A 71 2.39 -38.66 -4.70
N ALA A 72 1.49 -39.54 -5.13
CA ALA A 72 1.33 -39.96 -6.52
C ALA A 72 1.05 -38.72 -7.40
N VAL A 73 0.11 -37.86 -7.02
CA VAL A 73 -0.18 -36.70 -7.92
C VAL A 73 1.05 -35.78 -7.94
N PHE A 74 1.76 -35.55 -6.82
CA PHE A 74 2.97 -34.70 -6.85
C PHE A 74 4.07 -35.33 -7.72
N ARG A 75 4.33 -36.64 -7.63
CA ARG A 75 5.44 -37.28 -8.42
C ARG A 75 5.13 -37.09 -9.91
N GLU A 76 3.87 -37.22 -10.30
CA GLU A 76 3.44 -37.20 -11.71
C GLU A 76 3.48 -35.77 -12.24
N ALA A 77 3.01 -34.80 -11.47
CA ALA A 77 2.65 -33.45 -11.96
C ALA A 77 3.88 -32.56 -12.22
N ARG A 78 5.02 -32.79 -11.59
CA ARG A 78 6.23 -31.92 -11.72
C ARG A 78 5.83 -30.43 -11.59
N ALA A 79 5.21 -30.07 -10.46
CA ALA A 79 4.54 -28.76 -10.28
C ALA A 79 5.56 -27.74 -9.78
N ASP A 80 5.33 -26.47 -10.08
CA ASP A 80 6.13 -25.33 -9.55
C ASP A 80 5.53 -24.93 -8.19
N VAL A 81 4.22 -25.05 -8.05
CA VAL A 81 3.47 -24.43 -6.90
C VAL A 81 2.31 -25.35 -6.52
N CYS A 82 2.12 -25.53 -5.22
CA CYS A 82 0.89 -26.06 -4.61
C CYS A 82 0.16 -24.90 -3.93
N ILE A 83 -1.09 -24.63 -4.32
CA ILE A 83 -1.96 -23.67 -3.59
C ILE A 83 -2.83 -24.48 -2.63
N LEU A 84 -2.79 -24.16 -1.35
CA LEU A 84 -3.49 -24.95 -0.32
C LEU A 84 -4.61 -24.12 0.25
N CYS A 85 -5.86 -24.53 0.01
CA CYS A 85 -7.09 -23.89 0.55
C CYS A 85 -7.95 -24.93 1.25
N THR A 86 -7.65 -25.20 2.51
CA THR A 86 -8.28 -26.30 3.26
C THR A 86 -8.70 -25.75 4.60
N ARG A 87 -7.73 -25.54 5.48
CA ARG A 87 -7.99 -25.34 6.92
C ARG A 87 -7.33 -24.02 7.32
N SER A 88 -7.59 -23.58 8.55
CA SER A 88 -7.14 -22.27 9.09
C SER A 88 -5.85 -22.40 9.91
N ILE A 89 -5.55 -23.57 10.50
CA ILE A 89 -4.53 -23.65 11.58
C ILE A 89 -3.39 -24.57 11.12
N MET A 90 -2.17 -24.26 11.58
CA MET A 90 -0.92 -24.91 11.10
C MET A 90 -1.01 -26.42 11.32
N SER A 91 -1.54 -26.85 12.47
CA SER A 91 -1.59 -28.29 12.85
C SER A 91 -2.39 -29.04 11.76
N GLU A 92 -3.40 -28.41 11.18
CA GLU A 92 -4.27 -29.05 10.14
C GLU A 92 -3.70 -28.80 8.76
N LEU A 93 -2.77 -27.85 8.55
CA LEU A 93 -2.19 -27.56 7.22
C LEU A 93 -0.88 -28.33 7.04
N ALA A 94 -0.23 -28.72 8.12
CA ALA A 94 1.16 -29.25 8.13
C ALA A 94 1.29 -30.47 7.20
N GLY A 95 0.28 -31.34 7.21
CA GLY A 95 0.27 -32.59 6.42
C GLY A 95 0.49 -32.30 4.94
N ALA A 96 -0.33 -31.39 4.38
CA ALA A 96 -0.23 -30.96 2.97
C ALA A 96 1.09 -30.22 2.71
N LEU A 97 1.48 -29.31 3.62
CA LEU A 97 2.74 -28.54 3.43
C LEU A 97 3.95 -29.51 3.45
N ARG A 98 3.90 -30.58 4.25
CA ARG A 98 5.00 -31.58 4.30
C ARG A 98 5.10 -32.28 2.95
N VAL A 99 3.96 -32.66 2.36
CA VAL A 99 3.93 -33.34 1.06
C VAL A 99 4.55 -32.39 0.03
N ALA A 100 4.11 -31.13 -0.04
CA ALA A 100 4.62 -30.20 -1.06
C ALA A 100 6.13 -30.09 -0.90
N ALA A 101 6.60 -29.89 0.33
CA ALA A 101 8.03 -29.64 0.61
C ALA A 101 8.84 -30.90 0.25
N ARG A 102 8.38 -32.08 0.66
CA ARG A 102 9.09 -33.36 0.40
C ARG A 102 9.26 -33.58 -1.10
N HIS A 103 8.36 -33.03 -1.92
CA HIS A 103 8.46 -33.13 -3.40
C HIS A 103 9.19 -31.92 -3.99
N GLY A 104 9.75 -31.02 -3.16
CA GLY A 104 10.44 -29.80 -3.61
C GLY A 104 9.53 -28.82 -4.34
N VAL A 105 8.23 -28.78 -4.04
CA VAL A 105 7.32 -27.84 -4.76
C VAL A 105 6.92 -26.72 -3.79
N ASN A 106 7.07 -25.50 -4.29
CA ASN A 106 6.73 -24.25 -3.56
C ASN A 106 5.27 -24.34 -3.15
N ALA A 107 4.92 -23.93 -1.93
CA ALA A 107 3.52 -23.95 -1.46
C ALA A 107 3.12 -22.59 -0.90
N ILE A 108 1.91 -22.16 -1.23
CA ILE A 108 1.29 -20.94 -0.66
C ILE A 108 -0.10 -21.33 -0.18
N THR A 109 -0.44 -21.03 1.07
CA THR A 109 -1.76 -21.36 1.64
C THR A 109 -2.53 -20.06 1.98
N ILE A 110 -3.84 -20.10 1.86
CA ILE A 110 -4.73 -19.04 2.43
C ILE A 110 -5.02 -19.38 3.89
N GLY A 111 -4.57 -20.53 4.37
CA GLY A 111 -4.69 -20.87 5.80
C GLY A 111 -4.21 -19.72 6.69
N GLU A 112 -5.08 -19.17 7.52
CA GLU A 112 -4.84 -17.83 8.08
C GLU A 112 -3.68 -17.86 9.08
N GLU A 113 -3.53 -18.92 9.89
CA GLU A 113 -2.40 -18.97 10.85
C GLU A 113 -1.07 -18.89 10.10
N ALA A 114 -1.00 -19.49 8.90
CA ALA A 114 0.24 -19.60 8.09
C ALA A 114 0.73 -18.21 7.65
N PHE A 115 -0.14 -17.19 7.71
CA PHE A 115 0.26 -15.81 7.35
C PHE A 115 1.49 -15.39 8.18
N TYR A 116 1.47 -15.75 9.46
CA TYR A 116 2.60 -15.49 10.39
C TYR A 116 2.51 -16.44 11.58
N PRO A 117 3.03 -17.67 11.43
CA PRO A 117 2.84 -18.70 12.44
C PRO A 117 4.04 -18.90 13.40
N TRP A 118 5.04 -18.02 13.32
CA TRP A 118 6.36 -18.17 14.00
C TRP A 118 6.23 -18.28 15.52
N THR A 119 5.23 -17.66 16.17
CA THR A 119 5.09 -17.76 17.66
C THR A 119 3.89 -18.60 18.06
N THR A 120 2.90 -18.68 17.20
CA THR A 120 1.61 -19.35 17.49
C THR A 120 1.81 -20.87 17.22
N SER A 121 2.66 -21.25 16.27
CA SER A 121 3.01 -22.67 15.94
C SER A 121 4.50 -22.71 15.60
N GLN A 122 5.33 -22.40 16.56
CA GLN A 122 6.77 -22.16 16.29
C GLN A 122 7.44 -23.42 15.75
N ALA A 123 7.20 -24.54 16.41
CA ALA A 123 7.94 -25.80 16.14
C ALA A 123 7.50 -26.33 14.77
N LEU A 124 6.20 -26.34 14.49
CA LEU A 124 5.70 -26.72 13.14
C LEU A 124 6.33 -25.82 12.08
N THR A 125 6.35 -24.50 12.30
CA THR A 125 6.96 -23.56 11.32
C THR A 125 8.46 -23.87 11.16
N GLU A 126 9.21 -24.05 12.24
CA GLU A 126 10.67 -24.35 12.12
C GLU A 126 10.91 -25.68 11.36
N GLU A 127 10.09 -26.69 11.63
CA GLU A 127 10.17 -28.02 10.95
C GLU A 127 9.93 -27.84 9.46
N LEU A 128 8.86 -27.13 9.12
CA LEU A 128 8.50 -26.92 7.69
C LEU A 128 9.60 -26.08 7.03
N ASP A 129 10.13 -25.09 7.73
CA ASP A 129 11.25 -24.25 7.22
C ASP A 129 12.47 -25.15 6.86
N GLN A 130 12.88 -26.06 7.73
CA GLN A 130 14.09 -26.90 7.40
C GLN A 130 13.75 -27.88 6.27
N LEU A 131 12.56 -28.48 6.31
CA LEU A 131 12.10 -29.39 5.23
C LEU A 131 12.14 -28.67 3.88
N ALA A 132 11.57 -27.46 3.85
CA ALA A 132 11.51 -26.65 2.61
C ALA A 132 12.95 -26.34 2.17
N ARG A 133 13.82 -26.02 3.12
CA ARG A 133 15.24 -25.75 2.79
C ARG A 133 15.93 -26.98 2.21
N ALA A 134 15.71 -28.15 2.79
CA ALA A 134 16.32 -29.42 2.34
C ALA A 134 15.92 -29.70 0.89
N ASN A 135 14.75 -29.24 0.46
CA ASN A 135 14.13 -29.62 -0.83
C ASN A 135 14.09 -28.43 -1.75
N ASP A 136 14.77 -27.34 -1.42
CA ASP A 136 14.97 -26.21 -2.36
C ASP A 136 13.61 -25.64 -2.77
N CYS A 137 12.72 -25.37 -1.82
CA CYS A 137 11.39 -24.76 -2.13
C CYS A 137 10.97 -23.80 -1.00
N THR A 138 10.05 -22.90 -1.33
CA THR A 138 9.51 -21.87 -0.42
C THR A 138 8.07 -22.22 -0.05
N LEU A 139 7.76 -22.14 1.23
CA LEU A 139 6.37 -22.20 1.76
C LEU A 139 6.00 -20.84 2.34
N THR A 140 4.75 -20.44 2.19
CA THR A 140 4.26 -19.15 2.73
C THR A 140 2.73 -19.16 2.90
N GLY A 141 2.25 -18.17 3.65
CA GLY A 141 0.82 -17.91 3.89
C GLY A 141 0.45 -16.57 3.31
N SER A 142 -0.65 -16.50 2.56
CA SER A 142 -1.15 -15.22 2.01
C SER A 142 -2.68 -15.23 2.05
N GLY A 143 -3.29 -14.25 1.43
CA GLY A 143 -4.74 -14.11 1.47
C GLY A 143 -5.11 -12.66 1.66
N PHE A 144 -6.31 -12.42 2.14
CA PHE A 144 -6.84 -11.06 2.32
C PHE A 144 -5.92 -10.25 3.24
N GLN A 145 -5.29 -10.91 4.23
CA GLN A 145 -4.50 -10.24 5.30
C GLN A 145 -3.33 -9.49 4.67
N ASP A 146 -2.77 -10.06 3.60
CA ASP A 146 -1.45 -9.66 3.01
C ASP A 146 -1.51 -8.17 2.63
N VAL A 147 -2.56 -7.73 1.94
CA VAL A 147 -2.79 -6.29 1.68
C VAL A 147 -3.65 -5.67 2.79
N PHE A 148 -4.82 -6.20 3.06
CA PHE A 148 -5.91 -5.41 3.70
C PHE A 148 -5.71 -5.33 5.21
N TRP A 149 -4.97 -6.26 5.82
CA TRP A 149 -4.57 -6.20 7.25
C TRP A 149 -3.05 -6.05 7.37
N GLY A 150 -2.37 -5.68 6.28
CA GLY A 150 -0.90 -5.77 6.13
C GLY A 150 -0.33 -4.58 5.38
N ASN A 151 0.05 -4.77 4.13
CA ASN A 151 0.75 -3.74 3.33
C ASN A 151 -0.13 -2.49 3.11
N LEU A 152 -1.46 -2.61 3.13
CA LEU A 152 -2.31 -1.39 3.10
C LEU A 152 -1.87 -0.50 4.29
N ILE A 153 -1.68 -1.09 5.47
CA ILE A 153 -1.40 -0.31 6.70
C ILE A 153 0.03 0.20 6.66
N THR A 154 1.00 -0.64 6.27
CA THR A 154 2.44 -0.29 6.33
C THR A 154 2.76 0.72 5.23
N VAL A 155 2.07 0.67 4.10
CA VAL A 155 2.23 1.74 3.07
C VAL A 155 1.73 3.08 3.60
N LEU A 156 0.58 3.13 4.30
CA LEU A 156 0.12 4.38 4.97
C LEU A 156 1.09 4.78 6.10
N ALA A 157 1.66 3.82 6.81
CA ALA A 157 2.63 4.10 7.89
C ALA A 157 3.84 4.83 7.31
N GLY A 158 4.15 4.58 6.04
CA GLY A 158 5.27 5.22 5.31
C GLY A 158 5.04 6.70 5.09
N ALA A 159 3.81 7.19 5.27
CA ALA A 159 3.45 8.63 5.13
C ALA A 159 3.11 9.25 6.48
N THR A 160 3.50 8.59 7.57
CA THR A 160 3.14 8.99 8.94
C THR A 160 4.41 9.45 9.66
N HIS A 161 4.26 10.52 10.41
CA HIS A 161 5.36 11.15 11.18
C HIS A 161 5.53 10.38 12.49
N ARG A 162 4.44 10.17 13.24
CA ARG A 162 4.48 9.42 14.52
C ARG A 162 3.26 8.52 14.58
N ILE A 163 3.48 7.24 14.86
CA ILE A 163 2.36 6.29 15.15
C ILE A 163 2.27 6.06 16.66
N ASP A 164 1.10 6.35 17.25
CA ASP A 164 0.83 5.99 18.66
C ASP A 164 0.06 4.64 18.67
N ARG A 165 -0.89 4.46 17.77
CA ARG A 165 -1.79 3.29 17.79
C ARG A 165 -2.31 3.04 16.39
N ILE A 166 -2.41 1.78 16.02
CA ILE A 166 -3.06 1.37 14.76
C ILE A 166 -4.34 0.66 15.18
N VAL A 167 -5.47 1.10 14.64
CA VAL A 167 -6.80 0.54 15.02
C VAL A 167 -7.48 0.04 13.75
N GLY A 168 -7.87 -1.20 13.78
CA GLY A 168 -8.48 -1.91 12.63
C GLY A 168 -9.88 -2.38 12.98
N LEU A 169 -10.82 -2.20 12.07
CA LEU A 169 -12.13 -2.87 12.09
C LEU A 169 -12.29 -3.62 10.78
N THR A 170 -12.47 -4.94 10.86
CA THR A 170 -12.69 -5.76 9.67
C THR A 170 -13.85 -6.69 9.93
N GLN A 171 -14.60 -6.97 8.86
CA GLN A 171 -15.76 -7.86 8.92
C GLN A 171 -15.84 -8.60 7.60
N TYR A 172 -16.08 -9.90 7.68
CA TYR A 172 -16.28 -10.74 6.48
C TYR A 172 -17.44 -11.69 6.80
N ASN A 173 -17.97 -12.24 5.73
CA ASN A 173 -19.16 -13.11 5.71
C ASN A 173 -18.71 -14.57 5.83
N ALA A 174 -18.98 -15.20 6.98
CA ALA A 174 -18.65 -16.62 7.27
C ALA A 174 -19.12 -17.55 6.14
N ASP A 175 -20.20 -17.18 5.47
CA ASP A 175 -20.81 -18.01 4.42
C ASP A 175 -20.00 -18.00 3.13
N ASP A 176 -19.11 -17.03 2.92
CA ASP A 176 -18.35 -16.90 1.65
C ASP A 176 -17.26 -17.96 1.60
N TYR A 177 -16.97 -18.70 2.68
CA TYR A 177 -15.71 -19.48 2.68
C TYR A 177 -15.81 -20.98 2.95
N GLY A 178 -16.97 -21.52 3.26
CA GLY A 178 -16.98 -22.97 3.48
C GLY A 178 -16.78 -23.37 4.93
N SER A 179 -17.07 -24.63 5.22
CA SER A 179 -17.18 -25.26 6.56
C SER A 179 -16.10 -24.96 7.61
N ALA A 180 -14.82 -25.00 7.28
CA ALA A 180 -13.67 -24.83 8.19
C ALA A 180 -13.71 -23.45 8.82
N LEU A 181 -14.09 -22.43 8.07
CA LEU A 181 -14.08 -21.06 8.62
C LEU A 181 -15.33 -20.92 9.53
N ALA A 182 -16.51 -21.31 9.05
CA ALA A 182 -17.75 -21.30 9.86
C ALA A 182 -17.47 -21.98 11.23
N GLN A 183 -16.82 -23.14 11.21
CA GLN A 183 -16.49 -23.96 12.42
C GLN A 183 -15.54 -23.18 13.33
N LYS A 184 -14.48 -22.61 12.78
CA LYS A 184 -13.51 -21.81 13.57
C LYS A 184 -14.24 -20.65 14.27
N HIS A 185 -15.30 -20.09 13.67
CA HIS A 185 -16.04 -18.90 14.18
C HIS A 185 -17.23 -19.31 15.07
N GLY A 186 -17.38 -20.62 15.35
CA GLY A 186 -18.42 -21.18 16.24
C GLY A 186 -19.83 -20.95 15.70
N VAL A 187 -19.99 -20.94 14.38
CA VAL A 187 -21.30 -20.65 13.72
C VAL A 187 -22.26 -21.79 14.09
N GLY A 188 -23.43 -21.44 14.62
CA GLY A 188 -24.49 -22.40 14.98
C GLY A 188 -24.31 -23.01 16.36
N LEU A 189 -23.26 -22.64 17.11
CA LEU A 189 -23.08 -23.11 18.50
C LEU A 189 -24.01 -22.33 19.40
N ASP A 190 -24.64 -23.01 20.36
CA ASP A 190 -25.38 -22.34 21.45
C ASP A 190 -24.36 -21.61 22.33
N PRO A 191 -24.78 -20.55 23.05
CA PRO A 191 -23.88 -19.76 23.89
C PRO A 191 -22.95 -20.59 24.81
N GLU A 192 -23.47 -21.67 25.42
CA GLU A 192 -22.67 -22.49 26.36
C GLU A 192 -21.57 -23.21 25.58
N THR A 193 -21.89 -23.83 24.44
CA THR A 193 -20.91 -24.58 23.62
C THR A 193 -19.86 -23.59 23.06
N PHE A 194 -20.31 -22.40 22.63
CA PHE A 194 -19.43 -21.32 22.13
C PHE A 194 -18.38 -21.00 23.19
N ALA A 195 -18.85 -20.62 24.39
CA ALA A 195 -18.03 -20.29 25.57
C ALA A 195 -16.97 -21.39 25.77
N ALA A 196 -17.38 -22.66 25.72
CA ALA A 196 -16.55 -23.82 26.12
C ALA A 196 -15.53 -24.14 25.03
N ARG A 197 -15.98 -24.20 23.77
CA ARG A 197 -15.13 -24.60 22.62
C ARG A 197 -14.27 -23.40 22.20
N ILE A 198 -14.89 -22.21 22.03
CA ILE A 198 -14.26 -21.01 21.38
C ILE A 198 -13.69 -20.06 22.43
N GLY A 199 -14.56 -19.43 23.23
CA GLY A 199 -14.19 -18.40 24.22
C GLY A 199 -13.07 -18.89 25.13
N ALA A 200 -13.23 -20.09 25.69
CA ALA A 200 -12.38 -20.67 26.76
C ALA A 200 -10.98 -20.94 26.22
N SER A 201 -10.90 -21.62 25.08
CA SER A 201 -9.61 -22.05 24.50
C SER A 201 -8.88 -20.83 23.91
N ASN A 202 -9.60 -19.80 23.48
CA ASN A 202 -9.02 -18.51 23.04
C ASN A 202 -7.85 -18.74 22.04
N SER A 203 -8.04 -19.61 21.04
CA SER A 203 -7.07 -19.90 19.95
C SER A 203 -6.76 -18.61 19.21
N PRO A 204 -5.58 -18.46 18.55
CA PRO A 204 -5.23 -17.19 17.92
C PRO A 204 -6.24 -16.88 16.81
N SER A 205 -6.95 -15.75 16.92
CA SER A 205 -7.84 -15.28 15.83
C SER A 205 -6.96 -14.92 14.62
N TYR A 206 -7.55 -14.73 13.45
CA TYR A 206 -6.77 -14.41 12.22
C TYR A 206 -5.92 -13.14 12.41
N VAL A 207 -6.41 -12.16 13.17
CA VAL A 207 -5.73 -10.85 13.33
C VAL A 207 -4.70 -10.93 14.45
N TRP A 208 -4.67 -12.00 15.25
CA TRP A 208 -3.48 -12.29 16.10
C TRP A 208 -2.24 -12.44 15.21
N ASN A 209 -2.32 -13.31 14.22
CA ASN A 209 -1.20 -13.61 13.30
C ASN A 209 -0.91 -12.39 12.40
N SER A 210 -1.95 -11.70 11.92
CA SER A 210 -1.78 -10.54 11.02
C SER A 210 -1.20 -9.35 11.81
N ASN A 211 -1.58 -9.16 13.07
CA ASN A 211 -0.97 -8.10 13.93
C ASN A 211 0.51 -8.41 14.13
N GLU A 212 0.90 -9.68 14.30
CA GLU A 212 2.34 -10.03 14.43
C GLU A 212 3.05 -9.74 13.12
N TRP A 213 2.40 -10.01 11.98
CA TRP A 213 2.96 -9.72 10.65
C TRP A 213 3.23 -8.21 10.54
N LEU A 214 2.26 -7.37 10.92
CA LEU A 214 2.42 -5.90 10.91
C LEU A 214 3.64 -5.49 11.73
N CYS A 215 3.78 -5.99 12.95
CA CYS A 215 4.97 -5.69 13.81
C CYS A 215 6.25 -6.12 13.10
N ALA A 216 6.28 -7.30 12.48
CA ALA A 216 7.50 -7.82 11.78
C ALA A 216 7.79 -6.85 10.64
N GLN A 217 6.79 -6.40 9.90
CA GLN A 217 7.14 -5.57 8.73
C GLN A 217 7.44 -4.12 9.16
N LEU A 218 6.88 -3.64 10.25
CA LEU A 218 7.14 -2.26 10.72
C LEU A 218 8.47 -2.25 11.50
N GLY A 219 9.02 -3.41 11.86
CA GLY A 219 10.29 -3.52 12.62
C GLY A 219 10.06 -3.32 14.11
N TRP A 220 8.89 -3.69 14.64
CA TRP A 220 8.57 -3.60 16.09
C TRP A 220 8.70 -4.99 16.68
N ARG A 221 8.94 -5.05 17.99
CA ARG A 221 9.06 -6.30 18.78
C ARG A 221 7.80 -6.40 19.64
N VAL A 222 7.11 -7.53 19.57
CA VAL A 222 5.88 -7.79 20.36
C VAL A 222 6.29 -7.97 21.83
N ARG A 223 5.58 -7.29 22.73
CA ARG A 223 5.78 -7.48 24.19
C ARG A 223 4.64 -8.33 24.74
N ASP A 224 3.41 -8.09 24.30
CA ASP A 224 2.25 -8.88 24.74
C ASP A 224 1.17 -8.82 23.66
N ILE A 225 0.32 -9.82 23.67
CA ILE A 225 -0.90 -9.90 22.83
C ILE A 225 -2.03 -10.37 23.72
N ARG A 226 -3.14 -9.64 23.73
CA ARG A 226 -4.37 -9.97 24.47
C ARG A 226 -5.52 -10.10 23.49
N GLN A 227 -6.38 -11.10 23.67
CA GLN A 227 -7.47 -11.43 22.73
C GLN A 227 -8.71 -11.79 23.52
N GLN A 228 -9.84 -11.22 23.13
CA GLN A 228 -11.18 -11.62 23.60
C GLN A 228 -11.98 -12.08 22.38
N LEU A 229 -12.56 -13.28 22.46
CA LEU A 229 -13.47 -13.87 21.45
C LEU A 229 -14.87 -13.83 22.01
N LEU A 230 -15.80 -13.23 21.30
CA LEU A 230 -17.21 -13.09 21.73
C LEU A 230 -18.08 -13.62 20.61
N PRO A 231 -19.20 -14.28 20.93
CA PRO A 231 -20.08 -14.76 19.89
C PRO A 231 -20.75 -13.52 19.32
N THR A 232 -21.05 -13.59 18.05
CA THR A 232 -21.91 -12.66 17.33
C THR A 232 -23.33 -13.28 17.38
N THR A 233 -24.38 -12.47 17.34
CA THR A 233 -25.77 -12.94 17.51
C THR A 233 -26.68 -12.16 16.58
N HIS A 234 -27.84 -12.70 16.18
CA HIS A 234 -28.88 -11.92 15.46
C HIS A 234 -30.24 -12.07 16.15
N THR A 235 -31.14 -11.10 15.97
CA THR A 235 -32.52 -11.11 16.53
C THR A 235 -33.43 -12.04 15.71
N GLY A 236 -32.99 -12.44 14.51
CA GLY A 236 -33.69 -13.34 13.59
C GLY A 236 -32.86 -14.58 13.29
N THR A 237 -33.49 -15.59 12.71
CA THR A 237 -32.83 -16.86 12.34
C THR A 237 -32.10 -16.58 11.02
N LEU A 238 -30.88 -17.12 10.85
CA LEU A 238 -30.04 -16.92 9.66
C LEU A 238 -29.58 -18.28 9.18
N ARG A 239 -29.37 -18.40 7.87
CA ARG A 239 -28.88 -19.64 7.22
C ARG A 239 -27.37 -19.55 7.02
N SER A 240 -26.64 -20.58 7.41
CA SER A 240 -25.25 -20.87 6.94
C SER A 240 -25.31 -21.80 5.72
N ALA A 241 -25.08 -21.25 4.53
CA ALA A 241 -25.00 -22.04 3.29
C ALA A 241 -23.78 -22.97 3.35
N SER A 242 -22.73 -22.64 4.09
CA SER A 242 -21.48 -23.42 4.20
C SER A 242 -21.70 -24.69 5.03
N LEU A 243 -22.45 -24.58 6.13
CA LEU A 243 -22.80 -25.75 6.99
C LEU A 243 -24.14 -26.34 6.56
N GLY A 244 -24.88 -25.67 5.68
CA GLY A 244 -26.28 -26.04 5.38
C GLY A 244 -27.10 -26.18 6.66
N ARG A 245 -27.06 -25.19 7.55
CA ARG A 245 -27.96 -25.20 8.70
C ARG A 245 -28.53 -23.82 9.02
N GLU A 246 -29.69 -23.86 9.65
CA GLU A 246 -30.41 -22.69 10.20
C GLU A 246 -29.85 -22.43 11.59
N VAL A 247 -29.59 -21.15 11.88
CA VAL A 247 -29.04 -20.68 13.17
C VAL A 247 -30.12 -19.78 13.76
N PRO A 248 -30.80 -20.26 14.82
CA PRO A 248 -31.90 -19.50 15.41
C PRO A 248 -31.35 -18.30 16.19
N ALA A 249 -32.17 -17.27 16.34
CA ALA A 249 -31.91 -16.07 17.15
C ALA A 249 -31.30 -16.50 18.50
N GLY A 250 -30.16 -15.94 18.86
CA GLY A 250 -29.52 -16.21 20.16
C GLY A 250 -28.42 -17.27 20.08
N HIS A 251 -28.41 -18.13 19.06
CA HIS A 251 -27.23 -18.99 18.77
C HIS A 251 -26.12 -18.10 18.15
N ALA A 252 -24.87 -18.55 18.24
CA ALA A 252 -23.71 -17.84 17.67
C ALA A 252 -23.83 -17.85 16.15
N THR A 253 -23.86 -16.67 15.54
CA THR A 253 -23.85 -16.51 14.06
C THR A 253 -22.40 -16.38 13.59
N GLY A 254 -21.45 -16.45 14.50
CA GLY A 254 -20.00 -16.30 14.26
C GLY A 254 -19.32 -15.67 15.46
N MET A 255 -18.24 -14.92 15.22
CA MET A 255 -17.26 -14.58 16.28
C MET A 255 -16.76 -13.16 16.02
N LYS A 256 -16.74 -12.31 17.06
CA LYS A 256 -16.00 -11.04 17.05
C LYS A 256 -14.72 -11.26 17.87
N ALA A 257 -13.54 -11.01 17.29
CA ALA A 257 -12.24 -11.06 17.99
C ALA A 257 -11.75 -9.62 18.20
N VAL A 258 -11.26 -9.32 19.40
CA VAL A 258 -10.55 -8.05 19.69
C VAL A 258 -9.15 -8.47 20.12
N VAL A 259 -8.16 -8.02 19.36
CA VAL A 259 -6.73 -8.36 19.61
C VAL A 259 -6.00 -7.06 19.88
N VAL A 260 -5.33 -6.99 21.03
CA VAL A 260 -4.47 -5.84 21.34
C VAL A 260 -3.04 -6.34 21.37
N THR A 261 -2.23 -5.86 20.41
CA THR A 261 -0.80 -6.17 20.26
C THR A 261 0.04 -5.00 20.78
N GLU A 262 0.71 -5.21 21.91
CA GLU A 262 1.58 -4.20 22.55
C GLU A 262 3.03 -4.45 22.11
N THR A 263 3.75 -3.38 21.74
CA THR A 263 5.16 -3.52 21.33
C THR A 263 6.09 -3.04 22.44
N HIS A 264 7.32 -3.54 22.42
CA HIS A 264 8.43 -3.01 23.22
C HIS A 264 8.63 -1.53 22.88
N GLU A 265 8.50 -1.15 21.61
CA GLU A 265 8.80 0.21 21.11
C GLU A 265 7.78 1.22 21.63
N GLY A 266 6.56 0.80 21.95
CA GLY A 266 5.52 1.74 22.43
C GLY A 266 4.23 1.62 21.66
N PRO A 267 4.22 1.69 20.32
CA PRO A 267 2.96 1.62 19.59
C PRO A 267 2.16 0.33 19.89
N VAL A 268 0.82 0.42 19.84
CA VAL A 268 -0.06 -0.76 19.97
C VAL A 268 -0.98 -0.86 18.74
N ILE A 269 -1.26 -2.10 18.37
CA ILE A 269 -2.17 -2.47 17.25
C ILE A 269 -3.39 -3.11 17.91
N GLU A 270 -4.53 -2.46 17.77
CA GLU A 270 -5.85 -2.88 18.30
C GLU A 270 -6.72 -3.21 17.09
N THR A 271 -7.11 -4.47 16.94
CA THR A 271 -7.81 -4.96 15.72
C THR A 271 -9.07 -5.68 16.16
N HIS A 272 -10.19 -5.26 15.58
CA HIS A 272 -11.53 -5.84 15.79
C HIS A 272 -11.87 -6.60 14.52
N CYS A 273 -12.17 -7.88 14.64
CA CYS A 273 -12.28 -8.81 13.50
C CYS A 273 -13.56 -9.62 13.68
N VAL A 274 -14.53 -9.44 12.79
CA VAL A 274 -15.86 -10.10 12.87
C VAL A 274 -16.00 -11.02 11.67
N GLY A 275 -16.19 -12.31 11.94
CA GLY A 275 -16.58 -13.31 10.95
C GLY A 275 -17.91 -13.88 11.36
N LYS A 276 -18.97 -13.61 10.60
CA LYS A 276 -20.34 -14.05 10.97
C LYS A 276 -21.23 -14.17 9.74
N LEU A 277 -22.37 -14.81 9.95
CA LEU A 277 -23.52 -14.76 9.03
C LEU A 277 -24.07 -13.33 9.03
N TYR A 278 -24.51 -12.86 7.87
CA TYR A 278 -24.98 -11.47 7.66
C TYR A 278 -26.52 -11.43 7.69
N ALA A 279 -27.07 -10.49 8.46
CA ALA A 279 -28.48 -10.06 8.34
C ALA A 279 -28.61 -9.28 7.05
N PRO A 280 -29.84 -9.14 6.48
CA PRO A 280 -30.03 -8.39 5.24
C PRO A 280 -29.42 -6.98 5.38
N GLY A 281 -28.72 -6.51 4.35
CA GLY A 281 -28.09 -5.17 4.33
C GLY A 281 -26.67 -5.13 4.87
N GLU A 282 -26.17 -6.18 5.54
CA GLU A 282 -24.82 -6.14 6.15
C GLU A 282 -23.78 -6.38 5.05
N VAL A 283 -22.60 -5.79 5.21
CA VAL A 283 -21.53 -5.88 4.16
C VAL A 283 -20.17 -6.08 4.83
N ASP A 284 -19.21 -6.55 4.04
CA ASP A 284 -17.81 -6.67 4.51
C ASP A 284 -17.29 -5.27 4.83
N LEU A 285 -16.35 -5.20 5.76
CA LEU A 285 -15.78 -3.93 6.26
C LEU A 285 -14.26 -4.11 6.32
N ASN A 286 -13.53 -3.05 6.01
CA ASN A 286 -12.09 -2.95 6.32
C ASN A 286 -11.80 -1.46 6.48
N GLU A 287 -11.68 -1.01 7.71
CA GLU A 287 -11.38 0.41 8.04
C GLU A 287 -10.26 0.43 9.07
N TRP A 288 -9.21 1.21 8.80
CA TRP A 288 -8.03 1.32 9.69
C TRP A 288 -7.76 2.79 9.95
N THR A 289 -7.39 3.09 11.18
CA THR A 289 -6.85 4.41 11.55
C THR A 289 -5.44 4.23 12.08
N LEU A 290 -4.49 5.00 11.55
CA LEU A 290 -3.18 5.26 12.18
C LEU A 290 -3.37 6.48 13.05
N ARG A 291 -3.37 6.32 14.37
CA ARG A 291 -3.47 7.44 15.32
C ARG A 291 -2.06 7.91 15.67
N GLY A 292 -1.85 9.22 15.57
CA GLY A 292 -0.57 9.83 15.93
C GLY A 292 -0.46 11.15 15.22
N GLU A 293 0.60 11.33 14.44
CA GLU A 293 0.75 12.56 13.65
C GLU A 293 1.09 12.16 12.22
N PRO A 294 0.20 12.47 11.25
CA PRO A 294 -1.16 12.93 11.53
C PRO A 294 -2.02 11.72 11.83
N ASP A 295 -3.31 11.93 12.13
CA ASP A 295 -4.30 10.80 12.20
C ASP A 295 -4.74 10.52 10.76
N THR A 296 -4.66 9.27 10.30
CA THR A 296 -5.13 8.88 8.95
C THR A 296 -6.12 7.72 9.08
N THR A 297 -7.31 7.88 8.50
CA THR A 297 -8.30 6.78 8.37
C THR A 297 -8.43 6.36 6.91
N VAL A 298 -8.32 5.06 6.65
CA VAL A 298 -8.55 4.45 5.31
C VAL A 298 -9.77 3.54 5.43
N THR A 299 -10.64 3.63 4.44
CA THR A 299 -11.86 2.82 4.31
C THR A 299 -11.77 2.10 2.98
N ILE A 300 -11.95 0.77 2.99
CA ILE A 300 -12.24 0.01 1.74
C ILE A 300 -13.75 -0.14 1.75
N ARG A 301 -14.41 0.37 0.72
CA ARG A 301 -15.90 0.35 0.61
C ARG A 301 -16.32 -1.07 0.19
N GLN A 302 -16.87 -1.86 1.12
CA GLN A 302 -17.46 -3.20 0.84
C GLN A 302 -16.45 -4.06 0.10
N PRO A 303 -15.29 -4.37 0.71
CA PRO A 303 -14.29 -5.20 0.02
C PRO A 303 -14.87 -6.51 -0.52
N ALA A 304 -14.48 -6.88 -1.75
CA ALA A 304 -14.80 -8.21 -2.32
C ALA A 304 -13.79 -9.24 -1.78
N THR A 305 -13.87 -9.49 -0.47
CA THR A 305 -12.89 -10.25 0.33
C THR A 305 -12.49 -11.56 -0.37
N PRO A 306 -13.42 -12.44 -0.82
CA PRO A 306 -13.03 -13.68 -1.47
C PRO A 306 -12.18 -13.50 -2.74
N ALA A 307 -12.60 -12.60 -3.62
CA ALA A 307 -11.89 -12.36 -4.88
C ALA A 307 -10.52 -11.73 -4.57
N LEU A 308 -10.44 -10.90 -3.54
CA LEU A 308 -9.18 -10.24 -3.14
C LEU A 308 -8.24 -11.29 -2.56
N THR A 309 -8.76 -12.22 -1.74
CA THR A 309 -7.96 -13.32 -1.17
C THR A 309 -7.24 -14.07 -2.32
N CYS A 310 -8.00 -14.52 -3.29
CA CYS A 310 -7.50 -15.41 -4.36
C CYS A 310 -6.52 -14.64 -5.24
N ALA A 311 -6.86 -13.42 -5.64
CA ALA A 311 -6.00 -12.62 -6.54
C ALA A 311 -4.65 -12.31 -5.87
N THR A 312 -4.58 -12.06 -4.56
CA THR A 312 -3.23 -11.77 -3.98
C THR A 312 -2.40 -13.06 -3.94
N VAL A 313 -3.02 -14.21 -3.72
CA VAL A 313 -2.26 -15.49 -3.74
C VAL A 313 -1.61 -15.64 -5.12
N LEU A 314 -2.38 -15.48 -6.20
CA LEU A 314 -1.84 -15.62 -7.57
C LEU A 314 -0.79 -14.54 -7.83
N ASN A 315 -1.02 -13.29 -7.42
CA ASN A 315 -0.03 -12.21 -7.71
C ASN A 315 1.27 -12.51 -6.96
N ARG A 316 1.20 -13.22 -5.85
CA ARG A 316 2.40 -13.57 -5.04
C ARG A 316 3.28 -14.64 -5.72
N LEU A 317 2.76 -15.39 -6.69
CA LEU A 317 3.42 -16.65 -7.16
C LEU A 317 4.82 -16.38 -7.70
N PRO A 318 5.06 -15.36 -8.56
CA PRO A 318 6.40 -15.10 -9.07
C PRO A 318 7.38 -14.81 -7.91
N GLN A 319 6.93 -14.13 -6.87
CA GLN A 319 7.79 -13.82 -5.70
C GLN A 319 8.02 -15.09 -4.91
N LEU A 320 7.03 -15.97 -4.81
CA LEU A 320 7.19 -17.24 -4.07
C LEU A 320 8.30 -18.06 -4.78
N LEU A 321 8.26 -18.17 -6.11
CA LEU A 321 9.28 -18.90 -6.92
C LEU A 321 10.68 -18.27 -6.69
N ALA A 322 10.78 -16.94 -6.81
CA ALA A 322 12.04 -16.18 -6.65
C ALA A 322 12.55 -16.25 -5.21
N ALA A 323 11.68 -16.37 -4.20
CA ALA A 323 12.07 -16.26 -2.77
C ALA A 323 13.08 -17.36 -2.44
N PRO A 324 13.98 -17.13 -1.46
CA PRO A 324 14.87 -18.21 -1.02
C PRO A 324 14.08 -19.37 -0.43
N PRO A 325 14.69 -20.56 -0.38
CA PRO A 325 14.04 -21.74 0.18
C PRO A 325 13.79 -21.60 1.69
N GLY A 326 12.83 -22.36 2.22
CA GLY A 326 12.40 -22.28 3.62
C GLY A 326 10.95 -21.83 3.76
N PHE A 327 10.51 -21.64 5.00
CA PHE A 327 9.20 -21.06 5.33
C PHE A 327 9.42 -19.55 5.45
N VAL A 328 9.03 -18.83 4.41
CA VAL A 328 9.35 -17.39 4.30
C VAL A 328 8.03 -16.63 4.29
N THR A 329 7.67 -16.01 5.42
CA THR A 329 6.45 -15.19 5.53
C THR A 329 6.60 -13.95 4.66
N THR A 330 5.48 -13.44 4.19
CA THR A 330 5.39 -12.42 3.12
C THR A 330 5.85 -11.03 3.60
N ASP A 331 5.94 -10.80 4.91
CA ASP A 331 6.60 -9.59 5.46
C ASP A 331 8.03 -9.46 4.95
N ARG A 332 8.70 -10.57 4.57
CA ARG A 332 10.10 -10.56 4.05
C ARG A 332 10.10 -10.35 2.53
N PHE A 333 8.93 -10.25 1.90
CA PHE A 333 8.81 -10.00 0.44
C PHE A 333 8.56 -8.51 0.30
N THR A 334 8.80 -7.95 -0.89
CA THR A 334 8.25 -6.61 -1.24
C THR A 334 6.75 -6.81 -1.43
N PRO A 335 5.89 -5.78 -1.41
CA PRO A 335 4.45 -6.00 -1.47
C PRO A 335 4.08 -6.75 -2.76
N ALA A 336 2.95 -7.44 -2.77
CA ALA A 336 2.49 -8.17 -3.97
C ALA A 336 2.32 -7.13 -5.06
N THR A 337 2.65 -7.51 -6.29
CA THR A 337 2.47 -6.61 -7.45
C THR A 337 1.50 -7.29 -8.40
N TYR A 338 0.72 -6.47 -9.09
CA TYR A 338 -0.21 -6.93 -10.15
C TYR A 338 0.56 -7.72 -11.20
N VAL A 339 0.19 -8.98 -11.44
CA VAL A 339 0.84 -9.84 -12.47
C VAL A 339 -0.21 -10.12 -13.55
N SER A 340 0.14 -9.85 -14.79
CA SER A 340 -0.68 -10.14 -15.98
C SER A 340 -0.57 -11.62 -16.36
N ARG A 341 0.64 -12.18 -16.28
CA ARG A 341 0.95 -13.52 -16.82
C ARG A 341 1.77 -14.29 -15.79
N LEU A 342 1.27 -15.42 -15.33
CA LEU A 342 1.94 -16.33 -14.36
C LEU A 342 2.83 -17.27 -15.16
N GLU A 343 4.02 -16.83 -15.52
CA GLU A 343 5.00 -17.58 -16.33
C GLU A 343 6.34 -17.59 -15.63
N THR A 344 7.23 -18.51 -15.99
CA THR A 344 8.57 -18.70 -15.40
C THR A 344 9.52 -19.18 -16.51
N GLU A 345 10.84 -19.18 -16.24
CA GLU A 345 11.96 -19.37 -17.22
C GLU A 345 12.19 -20.87 -17.48
N ALA A 346 13.14 -21.18 -18.39
CA ALA A 346 13.60 -22.54 -18.78
C ALA A 346 12.38 -23.45 -19.02
N SER B 6 26.87 2.30 16.51
CA SER B 6 26.95 3.79 16.69
C SER B 6 26.19 4.48 15.55
N LYS B 7 25.20 5.30 15.90
CA LYS B 7 24.30 6.01 14.96
C LYS B 7 24.65 7.50 15.04
N ARG B 8 24.44 8.27 13.97
CA ARG B 8 24.50 9.75 14.02
C ARG B 8 23.27 10.32 13.32
N PRO B 9 22.83 11.54 13.67
CA PRO B 9 21.69 12.15 12.99
C PRO B 9 21.98 12.28 11.49
N ILE B 10 20.95 12.10 10.67
CA ILE B 10 21.01 12.47 9.23
C ILE B 10 21.11 13.98 9.16
N ARG B 11 22.04 14.47 8.35
CA ARG B 11 22.37 15.92 8.25
C ARG B 11 21.65 16.52 7.03
N ILE B 12 20.73 17.45 7.26
CA ILE B 12 19.76 17.92 6.22
C ILE B 12 20.00 19.40 5.94
N ILE B 13 20.09 19.75 4.66
CA ILE B 13 19.91 21.14 4.16
C ILE B 13 18.44 21.30 3.74
N GLN B 14 17.71 22.26 4.31
CA GLN B 14 16.36 22.62 3.86
C GLN B 14 16.45 23.77 2.83
N TRP B 15 16.01 23.53 1.60
CA TRP B 15 16.03 24.55 0.52
C TRP B 15 14.56 24.88 0.19
N GLY B 16 14.11 26.05 0.58
CA GLY B 16 12.68 26.40 0.64
C GLY B 16 12.20 26.33 2.09
N CYS B 17 12.07 27.48 2.74
CA CYS B 17 11.70 27.58 4.18
C CYS B 17 10.33 28.26 4.29
N GLY B 18 9.44 27.96 3.34
CA GLY B 18 8.02 28.35 3.37
C GLY B 18 7.24 27.38 4.22
N LEU B 19 5.93 27.29 3.99
CA LEU B 19 5.00 26.50 4.82
C LEU B 19 5.51 25.06 4.94
N MET B 20 5.73 24.36 3.83
CA MET B 20 6.23 22.95 3.82
C MET B 20 7.62 22.86 4.48
N GLY B 21 8.53 23.77 4.14
CA GLY B 21 9.91 23.79 4.66
C GLY B 21 9.91 23.95 6.17
N GLN B 22 9.02 24.80 6.68
CA GLN B 22 8.91 25.04 8.13
C GLN B 22 8.43 23.76 8.83
N THR B 23 7.47 23.06 8.23
CA THR B 23 6.94 21.78 8.76
C THR B 23 8.11 20.78 8.80
N LEU B 24 8.88 20.71 7.73
CA LEU B 24 10.01 19.74 7.65
C LEU B 24 11.08 20.07 8.68
N ILE B 25 11.39 21.34 8.89
CA ILE B 25 12.40 21.75 9.90
C ILE B 25 11.93 21.24 11.26
N ARG B 26 10.69 21.53 11.66
CA ARG B 26 10.16 21.07 12.97
C ARG B 26 10.18 19.54 12.99
N THR B 27 9.66 18.85 11.96
CA THR B 27 9.45 17.39 12.03
C THR B 27 10.80 16.65 11.89
N LEU B 28 11.76 17.11 11.12
CA LEU B 28 13.01 16.32 10.95
C LEU B 28 13.73 16.28 12.30
N ARG B 29 13.61 17.33 13.09
CA ARG B 29 14.27 17.38 14.43
C ARG B 29 13.55 16.44 15.38
N GLU B 30 12.21 16.41 15.33
CA GLU B 30 11.40 15.45 16.11
C GLU B 30 11.81 14.03 15.76
N LYS B 31 12.31 13.75 14.56
CA LYS B 31 12.73 12.37 14.21
C LYS B 31 14.23 12.17 14.48
N GLY B 32 14.93 13.15 15.02
CA GLY B 32 16.34 13.01 15.42
C GLY B 32 17.34 13.39 14.32
N ALA B 33 16.88 14.02 13.24
CA ALA B 33 17.80 14.55 12.21
C ALA B 33 18.31 15.93 12.67
N GLU B 34 19.34 16.42 11.99
CA GLU B 34 19.92 17.75 12.32
C GLU B 34 19.83 18.63 11.09
N LEU B 35 19.24 19.82 11.24
CA LEU B 35 19.31 20.85 10.21
C LEU B 35 20.74 21.41 10.17
N VAL B 36 21.41 21.35 9.01
CA VAL B 36 22.81 21.86 8.91
C VAL B 36 22.91 22.96 7.86
N GLY B 37 21.81 23.29 7.18
CA GLY B 37 21.80 24.36 6.16
C GLY B 37 20.38 24.73 5.85
N ALA B 38 20.15 25.98 5.45
CA ALA B 38 18.81 26.50 5.11
C ALA B 38 18.98 27.56 4.04
N ILE B 39 18.25 27.40 2.93
CA ILE B 39 18.30 28.31 1.76
C ILE B 39 16.86 28.75 1.47
N ASP B 40 16.66 30.03 1.26
CA ASP B 40 15.36 30.62 0.90
C ASP B 40 15.68 31.97 0.26
N HIS B 41 15.02 32.32 -0.84
CA HIS B 41 15.25 33.64 -1.50
C HIS B 41 14.25 34.68 -0.96
N ASN B 42 13.29 34.27 -0.14
CA ASN B 42 12.22 35.19 0.34
C ASN B 42 12.87 36.23 1.25
N ALA B 43 12.63 37.53 0.96
CA ALA B 43 13.12 38.71 1.69
C ALA B 43 12.89 38.56 3.21
N ALA B 44 11.67 38.15 3.57
CA ALA B 44 11.19 38.08 4.96
C ALA B 44 12.02 37.06 5.76
N ARG B 45 12.74 36.14 5.11
CA ARG B 45 13.35 34.96 5.80
C ARG B 45 14.86 34.95 5.72
N ARG B 46 15.45 35.52 4.66
CA ARG B 46 16.93 35.63 4.49
C ARG B 46 17.48 36.25 5.78
N ASP B 47 18.47 35.60 6.39
CA ASP B 47 19.30 36.09 7.53
C ASP B 47 18.67 35.76 8.88
N ARG B 48 17.43 35.30 8.91
CA ARG B 48 16.76 34.79 10.14
C ARG B 48 17.27 33.38 10.43
N ASP B 49 17.18 32.95 11.68
CA ASP B 49 17.49 31.55 12.08
C ASP B 49 16.33 30.67 11.61
N ALA B 50 16.67 29.54 10.99
CA ALA B 50 15.71 28.59 10.39
C ALA B 50 14.74 28.07 11.45
N GLY B 51 15.27 27.78 12.65
CA GLY B 51 14.47 27.36 13.81
C GLY B 51 13.41 28.39 14.12
N GLU B 52 13.81 29.66 14.24
CA GLU B 52 12.94 30.83 14.54
C GLU B 52 11.82 30.87 13.49
N VAL B 53 12.18 30.94 12.21
CA VAL B 53 11.22 30.99 11.07
C VAL B 53 10.26 29.78 11.14
N ALA B 54 10.75 28.62 11.55
CA ALA B 54 9.94 27.37 11.59
C ALA B 54 9.07 27.38 12.84
N GLY B 55 9.28 28.31 13.77
CA GLY B 55 8.40 28.51 14.95
C GLY B 55 8.87 27.73 16.16
N LEU B 56 10.12 27.23 16.13
CA LEU B 56 10.76 26.59 17.30
C LEU B 56 11.00 27.67 18.36
N GLY B 57 11.15 27.28 19.63
CA GLY B 57 11.39 28.24 20.73
C GLY B 57 12.85 28.50 20.96
N GLN B 58 13.71 27.67 20.37
CA GLN B 58 15.19 27.68 20.61
C GLN B 58 15.80 27.78 19.21
N SER B 59 16.57 28.85 18.93
CA SER B 59 17.20 29.06 17.60
C SER B 59 18.16 27.89 17.33
N LEU B 60 18.36 27.50 16.07
CA LEU B 60 19.15 26.30 15.72
C LEU B 60 20.62 26.64 15.45
N GLY B 61 20.95 27.91 15.29
CA GLY B 61 22.28 28.32 14.79
C GLY B 61 22.39 28.02 13.32
N VAL B 62 21.27 28.07 12.58
CA VAL B 62 21.26 27.79 11.11
C VAL B 62 20.61 29.00 10.45
N ARG B 63 21.46 29.85 9.90
CA ARG B 63 21.06 31.08 9.20
C ARG B 63 20.57 30.68 7.81
N ILE B 64 19.44 31.25 7.43
CA ILE B 64 18.84 31.09 6.08
C ILE B 64 19.67 31.95 5.13
N HIS B 65 20.25 31.31 4.13
CA HIS B 65 21.06 31.96 3.08
C HIS B 65 20.21 32.11 1.83
N PRO B 66 20.45 33.16 1.03
CA PRO B 66 19.82 33.29 -0.28
C PRO B 66 20.47 32.25 -1.18
N PRO B 67 19.78 31.84 -2.26
CA PRO B 67 20.30 30.84 -3.18
C PRO B 67 21.64 31.16 -3.86
N ASP B 68 21.96 32.43 -4.08
CA ASP B 68 23.26 32.85 -4.69
C ASP B 68 24.40 32.39 -3.78
N GLN B 69 24.12 32.02 -2.53
CA GLN B 69 25.15 31.50 -1.58
C GLN B 69 24.96 29.98 -1.36
N ALA B 70 24.20 29.27 -2.19
CA ALA B 70 23.97 27.80 -2.02
C ALA B 70 25.31 27.01 -1.99
N ASP B 71 26.27 27.29 -2.87
CA ASP B 71 27.53 26.47 -2.95
C ASP B 71 28.29 26.54 -1.60
N ALA B 72 28.35 27.73 -1.02
CA ALA B 72 28.94 28.00 0.30
C ALA B 72 28.19 27.17 1.35
N VAL B 73 26.87 27.21 1.38
CA VAL B 73 26.18 26.44 2.45
C VAL B 73 26.43 24.93 2.21
N PHE B 74 26.44 24.43 0.97
CA PHE B 74 26.75 22.98 0.73
C PHE B 74 28.18 22.63 1.19
N ARG B 75 29.18 23.44 0.85
CA ARG B 75 30.60 23.12 1.21
C ARG B 75 30.75 23.07 2.73
N GLU B 76 30.07 23.97 3.43
CA GLU B 76 30.21 24.17 4.90
C GLU B 76 29.50 23.01 5.63
N ALA B 77 28.32 22.60 5.15
CA ALA B 77 27.32 21.84 5.93
C ALA B 77 27.71 20.37 6.09
N ARG B 78 28.47 19.78 5.16
CA ARG B 78 28.77 18.32 5.18
C ARG B 78 27.45 17.55 5.34
N ALA B 79 26.48 17.80 4.44
CA ALA B 79 25.09 17.30 4.56
C ALA B 79 25.04 15.91 3.94
N ASP B 80 24.10 15.08 4.42
CA ASP B 80 23.74 13.77 3.83
C ASP B 80 22.67 14.03 2.76
N VAL B 81 21.83 15.06 2.94
CA VAL B 81 20.60 15.21 2.13
C VAL B 81 20.21 16.68 2.07
N CYS B 82 19.74 17.10 0.89
CA CYS B 82 19.02 18.38 0.69
C CYS B 82 17.55 18.05 0.44
N ILE B 83 16.64 18.65 1.20
CA ILE B 83 15.18 18.59 0.92
C ILE B 83 14.80 19.90 0.22
N LEU B 84 14.23 19.79 -0.97
CA LEU B 84 13.93 20.96 -1.79
C LEU B 84 12.42 21.13 -1.85
N CYS B 85 11.91 22.23 -1.31
CA CYS B 85 10.46 22.59 -1.32
C CYS B 85 10.29 24.01 -1.86
N THR B 86 10.24 24.16 -3.17
CA THR B 86 10.31 25.50 -3.81
C THR B 86 9.22 25.58 -4.83
N ARG B 87 9.41 24.89 -5.95
CA ARG B 87 8.61 25.07 -7.17
C ARG B 87 8.03 23.72 -7.57
N SER B 88 7.16 23.71 -8.58
CA SER B 88 6.40 22.51 -9.03
C SER B 88 7.05 21.88 -10.27
N ILE B 89 7.78 22.64 -11.10
CA ILE B 89 8.19 22.12 -12.44
C ILE B 89 9.71 21.94 -12.51
N MET B 90 10.17 20.96 -13.30
CA MET B 90 11.59 20.53 -13.32
C MET B 90 12.47 21.71 -13.72
N SER B 91 12.05 22.50 -14.69
CA SER B 91 12.83 23.66 -15.19
C SER B 91 13.15 24.58 -14.01
N GLU B 92 12.23 24.73 -13.06
CA GLU B 92 12.41 25.61 -11.88
C GLU B 92 13.02 24.85 -10.70
N LEU B 93 13.22 23.53 -10.76
CA LEU B 93 13.85 22.75 -9.67
C LEU B 93 15.29 22.42 -10.04
N ALA B 94 15.60 22.37 -11.33
CA ALA B 94 16.86 21.77 -11.85
C ALA B 94 18.08 22.49 -11.27
N GLY B 95 17.99 23.81 -11.12
CA GLY B 95 19.11 24.64 -10.60
C GLY B 95 19.56 24.18 -9.23
N ALA B 96 18.62 24.03 -8.30
CA ALA B 96 18.88 23.53 -6.91
C ALA B 96 19.38 22.08 -6.94
N LEU B 97 18.76 21.23 -7.77
CA LEU B 97 19.16 19.81 -7.85
C LEU B 97 20.60 19.72 -8.38
N ARG B 98 20.97 20.62 -9.30
CA ARG B 98 22.33 20.62 -9.90
C ARG B 98 23.35 20.95 -8.80
N VAL B 99 23.02 21.91 -7.94
CA VAL B 99 23.90 22.31 -6.83
C VAL B 99 24.09 21.09 -5.93
N ALA B 100 23.01 20.43 -5.53
CA ALA B 100 23.13 19.28 -4.60
C ALA B 100 24.01 18.20 -5.27
N ALA B 101 23.78 17.93 -6.56
CA ALA B 101 24.49 16.86 -7.29
C ALA B 101 25.98 17.21 -7.43
N ARG B 102 26.30 18.46 -7.79
CA ARG B 102 27.70 18.95 -7.91
C ARG B 102 28.44 18.70 -6.61
N HIS B 103 27.75 18.82 -5.48
CA HIS B 103 28.38 18.60 -4.14
C HIS B 103 28.29 17.14 -3.70
N GLY B 104 27.76 16.21 -4.52
CA GLY B 104 27.59 14.80 -4.12
C GLY B 104 26.61 14.63 -2.94
N VAL B 105 25.64 15.52 -2.79
CA VAL B 105 24.62 15.47 -1.71
C VAL B 105 23.31 14.92 -2.30
N ASN B 106 22.79 13.88 -1.68
CA ASN B 106 21.47 13.29 -2.05
C ASN B 106 20.44 14.40 -1.93
N ALA B 107 19.47 14.42 -2.83
CA ALA B 107 18.38 15.43 -2.78
C ALA B 107 17.05 14.74 -3.03
N ILE B 108 16.04 15.23 -2.33
CA ILE B 108 14.63 14.80 -2.52
C ILE B 108 13.80 16.07 -2.60
N THR B 109 12.90 16.17 -3.57
CA THR B 109 12.06 17.38 -3.73
C THR B 109 10.59 16.97 -3.65
N ILE B 110 9.76 17.85 -3.09
CA ILE B 110 8.28 17.72 -3.18
C ILE B 110 7.80 18.34 -4.48
N GLY B 111 8.69 18.97 -5.26
CA GLY B 111 8.29 19.51 -6.56
C GLY B 111 7.56 18.46 -7.39
N GLU B 112 6.31 18.72 -7.78
CA GLU B 112 5.41 17.63 -8.22
C GLU B 112 5.94 16.97 -9.50
N GLU B 113 6.46 17.75 -10.46
CA GLU B 113 6.89 17.14 -11.74
C GLU B 113 8.02 16.14 -11.47
N ALA B 114 8.85 16.38 -10.47
CA ALA B 114 10.04 15.56 -10.17
C ALA B 114 9.62 14.15 -9.73
N PHE B 115 8.34 13.98 -9.33
CA PHE B 115 7.85 12.62 -8.95
C PHE B 115 8.12 11.62 -10.10
N TYR B 116 7.91 12.05 -11.33
CA TYR B 116 8.17 11.23 -12.54
C TYR B 116 8.33 12.15 -13.74
N PRO B 117 9.54 12.74 -13.93
CA PRO B 117 9.73 13.78 -14.95
C PRO B 117 10.32 13.28 -16.27
N TRP B 118 10.39 11.95 -16.45
CA TRP B 118 11.19 11.28 -17.49
C TRP B 118 10.73 11.65 -18.90
N THR B 119 9.46 11.94 -19.11
CA THR B 119 8.90 12.27 -20.45
C THR B 119 8.51 13.75 -20.53
N THR B 120 8.18 14.35 -19.42
CA THR B 120 7.60 15.70 -19.34
C THR B 120 8.81 16.68 -19.35
N SER B 121 9.96 16.31 -18.78
CA SER B 121 11.22 17.10 -18.81
C SER B 121 12.40 16.13 -19.01
N GLN B 122 12.38 15.43 -20.12
CA GLN B 122 13.30 14.31 -20.37
C GLN B 122 14.74 14.77 -20.30
N ALA B 123 15.08 15.88 -20.95
CA ALA B 123 16.48 16.29 -21.14
C ALA B 123 17.05 16.77 -19.83
N LEU B 124 16.29 17.61 -19.11
CA LEU B 124 16.73 18.05 -17.76
C LEU B 124 16.91 16.83 -16.86
N THR B 125 15.98 15.87 -16.87
CA THR B 125 16.06 14.70 -15.98
C THR B 125 17.29 13.86 -16.39
N GLU B 126 17.53 13.64 -17.66
CA GLU B 126 18.68 12.79 -18.08
C GLU B 126 19.99 13.47 -17.72
N GLU B 127 20.06 14.79 -17.82
CA GLU B 127 21.29 15.55 -17.50
C GLU B 127 21.55 15.46 -16.00
N LEU B 128 20.49 15.66 -15.20
CA LEU B 128 20.62 15.55 -13.71
C LEU B 128 20.99 14.11 -13.34
N ASP B 129 20.40 13.11 -14.00
CA ASP B 129 20.71 11.68 -13.75
C ASP B 129 22.21 11.43 -13.99
N GLN B 130 22.77 11.91 -15.10
CA GLN B 130 24.23 11.77 -15.41
C GLN B 130 25.07 12.45 -14.33
N LEU B 131 24.74 13.70 -13.98
CA LEU B 131 25.47 14.51 -12.96
C LEU B 131 25.41 13.79 -11.61
N ALA B 132 24.23 13.30 -11.20
CA ALA B 132 24.09 12.62 -9.89
C ALA B 132 24.94 11.34 -9.93
N ARG B 133 24.92 10.62 -11.04
CA ARG B 133 25.78 9.43 -11.23
C ARG B 133 27.26 9.81 -11.06
N ALA B 134 27.70 10.85 -11.73
CA ALA B 134 29.11 11.30 -11.76
C ALA B 134 29.56 11.66 -10.36
N ASN B 135 28.65 12.11 -9.49
CA ASN B 135 29.03 12.63 -8.15
C ASN B 135 28.58 11.66 -7.05
N ASP B 136 28.12 10.49 -7.43
CA ASP B 136 27.85 9.40 -6.45
C ASP B 136 26.79 9.88 -5.45
N CYS B 137 25.67 10.43 -5.95
CA CYS B 137 24.52 10.75 -5.08
C CYS B 137 23.19 10.45 -5.80
N THR B 138 22.09 10.38 -5.04
CA THR B 138 20.73 10.10 -5.55
C THR B 138 19.88 11.36 -5.45
N LEU B 139 19.15 11.66 -6.52
CA LEU B 139 18.08 12.68 -6.57
C LEU B 139 16.76 11.95 -6.75
N THR B 140 15.67 12.46 -6.16
CA THR B 140 14.33 11.90 -6.38
C THR B 140 13.25 12.96 -6.08
N GLY B 141 12.03 12.65 -6.47
CA GLY B 141 10.81 13.41 -6.17
C GLY B 141 9.88 12.58 -5.32
N SER B 142 9.34 13.17 -4.28
CA SER B 142 8.39 12.50 -3.36
C SER B 142 7.35 13.51 -2.93
N GLY B 143 6.56 13.15 -1.93
CA GLY B 143 5.47 14.00 -1.41
C GLY B 143 4.20 13.19 -1.31
N PHE B 144 3.06 13.88 -1.36
CA PHE B 144 1.74 13.26 -1.18
C PHE B 144 1.52 12.18 -2.24
N GLN B 145 2.08 12.36 -3.45
CA GLN B 145 1.83 11.44 -4.59
C GLN B 145 2.38 10.05 -4.29
N ASP B 146 3.50 10.01 -3.56
CA ASP B 146 4.33 8.80 -3.36
C ASP B 146 3.46 7.64 -2.83
N VAL B 147 2.67 7.90 -1.81
CA VAL B 147 1.69 6.93 -1.28
C VAL B 147 0.33 7.17 -1.93
N PHE B 148 -0.20 8.39 -1.89
CA PHE B 148 -1.66 8.60 -2.00
C PHE B 148 -2.11 8.54 -3.45
N TRP B 149 -1.21 8.82 -4.41
CA TRP B 149 -1.49 8.69 -5.86
C TRP B 149 -0.60 7.61 -6.47
N GLY B 150 0.01 6.76 -5.63
CA GLY B 150 1.09 5.84 -6.01
C GLY B 150 0.95 4.50 -5.33
N ASN B 151 1.78 4.24 -4.31
CA ASN B 151 1.89 2.92 -3.67
C ASN B 151 0.56 2.51 -3.00
N LEU B 152 -0.29 3.46 -2.58
CA LEU B 152 -1.65 3.10 -2.13
C LEU B 152 -2.33 2.30 -3.25
N ILE B 153 -2.22 2.75 -4.49
CA ILE B 153 -2.98 2.16 -5.62
C ILE B 153 -2.31 0.84 -5.99
N THR B 154 -0.98 0.82 -6.10
CA THR B 154 -0.23 -0.38 -6.56
C THR B 154 -0.27 -1.49 -5.50
N VAL B 155 -0.32 -1.17 -4.20
CA VAL B 155 -0.52 -2.23 -3.17
C VAL B 155 -1.90 -2.87 -3.34
N LEU B 156 -2.95 -2.09 -3.63
CA LEU B 156 -4.30 -2.64 -3.89
C LEU B 156 -4.31 -3.40 -5.24
N ALA B 157 -3.56 -2.93 -6.22
CA ALA B 157 -3.44 -3.65 -7.51
C ALA B 157 -2.86 -5.05 -7.27
N GLY B 158 -2.05 -5.20 -6.24
CA GLY B 158 -1.44 -6.49 -5.87
C GLY B 158 -2.46 -7.51 -5.36
N ALA B 159 -3.69 -7.07 -5.03
CA ALA B 159 -4.79 -7.96 -4.61
C ALA B 159 -5.86 -8.05 -5.69
N THR B 160 -5.56 -7.62 -6.92
CA THR B 160 -6.56 -7.50 -8.01
C THR B 160 -6.26 -8.58 -9.06
N HIS B 161 -7.32 -9.22 -9.55
CA HIS B 161 -7.20 -10.26 -10.59
C HIS B 161 -7.01 -9.61 -11.96
N ARG B 162 -7.89 -8.68 -12.32
CA ARG B 162 -7.80 -7.96 -13.61
C ARG B 162 -8.14 -6.50 -13.35
N ILE B 163 -7.29 -5.59 -13.82
CA ILE B 163 -7.59 -4.15 -13.82
C ILE B 163 -8.06 -3.73 -15.22
N ASP B 164 -9.25 -3.13 -15.34
CA ASP B 164 -9.70 -2.48 -16.59
C ASP B 164 -9.39 -0.99 -16.53
N ARG B 165 -9.59 -0.36 -15.38
CA ARG B 165 -9.49 1.11 -15.24
C ARG B 165 -9.13 1.44 -13.81
N ILE B 166 -8.27 2.42 -13.63
CA ILE B 166 -8.02 3.01 -12.28
C ILE B 166 -8.60 4.41 -12.34
N VAL B 167 -9.48 4.77 -11.42
CA VAL B 167 -10.11 6.12 -11.39
C VAL B 167 -9.80 6.77 -10.05
N GLY B 168 -9.19 7.95 -10.10
CA GLY B 168 -8.75 8.72 -8.93
C GLY B 168 -9.51 10.03 -8.82
N LEU B 169 -9.88 10.39 -7.60
CA LEU B 169 -10.39 11.73 -7.27
C LEU B 169 -9.54 12.25 -6.11
N THR B 170 -8.86 13.35 -6.32
CA THR B 170 -8.06 13.99 -5.25
C THR B 170 -8.34 15.48 -5.23
N GLN B 171 -8.33 16.05 -4.04
CA GLN B 171 -8.57 17.49 -3.86
C GLN B 171 -7.76 17.96 -2.67
N TYR B 172 -7.14 19.12 -2.84
CA TYR B 172 -6.32 19.79 -1.81
C TYR B 172 -6.63 21.29 -1.89
N ASN B 173 -6.27 21.94 -0.81
CA ASN B 173 -6.60 23.35 -0.50
C ASN B 173 -5.43 24.22 -0.96
N ALA B 174 -5.63 25.02 -2.01
CA ALA B 174 -4.63 25.96 -2.57
C ALA B 174 -4.02 26.84 -1.47
N ASP B 175 -4.78 27.11 -0.41
CA ASP B 175 -4.32 28.02 0.68
C ASP B 175 -3.28 27.34 1.57
N ASP B 176 -3.19 26.01 1.58
CA ASP B 176 -2.28 25.25 2.48
C ASP B 176 -0.85 25.35 1.95
N TYR B 177 -0.66 25.86 0.73
CA TYR B 177 0.65 25.81 0.06
C TYR B 177 1.00 27.21 -0.46
N GLY B 178 2.23 27.40 -0.89
CA GLY B 178 2.68 28.71 -1.37
C GLY B 178 2.16 29.03 -2.76
N SER B 179 2.74 30.07 -3.36
CA SER B 179 2.22 30.79 -4.55
C SER B 179 2.49 29.97 -5.83
N ALA B 180 3.54 29.14 -5.87
CA ALA B 180 3.83 28.26 -7.04
C ALA B 180 2.60 27.40 -7.35
N LEU B 181 1.94 26.89 -6.30
CA LEU B 181 0.76 26.03 -6.51
C LEU B 181 -0.42 26.92 -6.92
N ALA B 182 -0.74 27.98 -6.15
CA ALA B 182 -1.84 28.92 -6.47
C ALA B 182 -1.73 29.34 -7.95
N GLN B 183 -0.52 29.72 -8.41
CA GLN B 183 -0.23 30.21 -9.78
C GLN B 183 -0.56 29.13 -10.81
N LYS B 184 -0.04 27.91 -10.58
CA LYS B 184 -0.27 26.77 -11.49
C LYS B 184 -1.79 26.52 -11.64
N HIS B 185 -2.57 26.77 -10.58
CA HIS B 185 -4.01 26.43 -10.48
C HIS B 185 -4.88 27.63 -10.92
N GLY B 186 -4.29 28.75 -11.30
CA GLY B 186 -5.05 29.90 -11.81
C GLY B 186 -5.97 30.54 -10.77
N VAL B 187 -5.58 30.54 -9.50
CA VAL B 187 -6.43 31.14 -8.43
C VAL B 187 -6.53 32.66 -8.66
N GLY B 188 -7.75 33.19 -8.69
CA GLY B 188 -7.98 34.65 -8.82
C GLY B 188 -8.11 35.09 -10.27
N LEU B 189 -7.77 34.24 -11.26
CA LEU B 189 -7.91 34.58 -12.70
C LEU B 189 -9.37 34.67 -13.09
N ASP B 190 -9.75 35.68 -13.88
CA ASP B 190 -11.11 35.76 -14.47
C ASP B 190 -11.23 34.61 -15.47
N PRO B 191 -12.48 34.17 -15.74
CA PRO B 191 -12.70 33.02 -16.61
C PRO B 191 -11.96 33.06 -17.97
N GLU B 192 -11.93 34.24 -18.59
CA GLU B 192 -11.32 34.41 -19.93
C GLU B 192 -9.80 34.25 -19.78
N THR B 193 -9.18 34.90 -18.80
CA THR B 193 -7.71 34.83 -18.61
C THR B 193 -7.30 33.39 -18.26
N PHE B 194 -8.13 32.71 -17.44
CA PHE B 194 -7.92 31.30 -17.05
C PHE B 194 -7.81 30.45 -18.31
N ALA B 195 -8.86 30.49 -19.15
CA ALA B 195 -8.94 29.75 -20.44
C ALA B 195 -7.65 29.97 -21.24
N ALA B 196 -7.22 31.24 -21.34
CA ALA B 196 -6.17 31.70 -22.27
C ALA B 196 -4.79 31.33 -21.73
N ARG B 197 -4.54 31.51 -20.43
CA ARG B 197 -3.23 31.23 -19.80
C ARG B 197 -3.15 29.73 -19.43
N ILE B 198 -4.09 29.24 -18.63
CA ILE B 198 -4.09 27.89 -17.97
C ILE B 198 -4.63 26.81 -18.93
N GLY B 199 -5.91 26.89 -19.29
CA GLY B 199 -6.57 25.89 -20.15
C GLY B 199 -5.81 25.68 -21.45
N ALA B 200 -5.40 26.77 -22.11
CA ALA B 200 -4.83 26.75 -23.47
C ALA B 200 -3.44 26.10 -23.46
N SER B 201 -2.58 26.49 -22.53
CA SER B 201 -1.19 25.98 -22.46
C SER B 201 -1.20 24.54 -21.94
N ASN B 202 -2.21 24.16 -21.14
CA ASN B 202 -2.47 22.75 -20.74
C ASN B 202 -1.18 22.10 -20.22
N SER B 203 -0.37 22.79 -19.40
CA SER B 203 0.87 22.22 -18.80
C SER B 203 0.51 20.98 -17.99
N PRO B 204 1.40 19.96 -17.93
CA PRO B 204 1.09 18.70 -17.24
C PRO B 204 0.70 18.98 -15.79
N SER B 205 -0.51 18.57 -15.41
CA SER B 205 -0.98 18.65 -14.01
C SER B 205 -0.16 17.68 -13.17
N TYR B 206 -0.29 17.75 -11.84
CA TYR B 206 0.47 16.87 -10.91
C TYR B 206 0.20 15.40 -11.21
N VAL B 207 -1.02 15.07 -11.63
CA VAL B 207 -1.47 13.66 -11.80
C VAL B 207 -1.14 13.17 -13.20
N TRP B 208 -0.71 14.06 -14.11
CA TRP B 208 -0.05 13.61 -15.35
C TRP B 208 1.18 12.78 -14.97
N ASN B 209 2.05 13.35 -14.15
CA ASN B 209 3.33 12.68 -13.76
C ASN B 209 3.05 11.48 -12.84
N SER B 210 2.07 11.58 -11.93
CA SER B 210 1.80 10.50 -10.96
C SER B 210 1.12 9.33 -11.70
N ASN B 211 0.28 9.60 -12.70
CA ASN B 211 -0.29 8.50 -13.55
C ASN B 211 0.85 7.80 -14.32
N GLU B 212 1.84 8.51 -14.82
CA GLU B 212 3.01 7.88 -15.47
C GLU B 212 3.78 7.04 -14.46
N TRP B 213 3.90 7.51 -13.23
CA TRP B 213 4.57 6.75 -12.14
C TRP B 213 3.83 5.42 -11.93
N LEU B 214 2.50 5.47 -11.82
CA LEU B 214 1.66 4.24 -11.68
C LEU B 214 1.95 3.27 -12.83
N CYS B 215 1.94 3.72 -14.08
CA CYS B 215 2.21 2.84 -15.26
C CYS B 215 3.62 2.24 -15.11
N ALA B 216 4.61 3.04 -14.75
CA ALA B 216 6.01 2.54 -14.60
C ALA B 216 6.02 1.46 -13.53
N GLN B 217 5.34 1.69 -12.40
CA GLN B 217 5.42 0.67 -11.33
C GLN B 217 4.56 -0.55 -11.64
N LEU B 218 3.48 -0.38 -12.38
CA LEU B 218 2.60 -1.53 -12.72
C LEU B 218 3.20 -2.28 -13.92
N GLY B 219 4.21 -1.73 -14.60
CA GLY B 219 4.84 -2.37 -15.77
C GLY B 219 4.05 -2.13 -17.05
N TRP B 220 3.31 -1.01 -17.16
CA TRP B 220 2.53 -0.65 -18.37
C TRP B 220 3.30 0.40 -19.16
N ARG B 221 3.03 0.48 -20.45
CA ARG B 221 3.60 1.45 -21.41
C ARG B 221 2.50 2.45 -21.77
N VAL B 222 2.80 3.73 -21.65
CA VAL B 222 1.83 4.81 -21.95
C VAL B 222 1.69 4.90 -23.46
N ARG B 223 0.46 5.01 -23.94
CA ARG B 223 0.16 5.17 -25.37
C ARG B 223 -0.24 6.62 -25.59
N ASP B 224 -1.12 7.17 -24.76
CA ASP B 224 -1.54 8.57 -24.91
C ASP B 224 -1.90 9.10 -23.53
N ILE B 225 -1.79 10.40 -23.37
CA ILE B 225 -2.31 11.11 -22.18
C ILE B 225 -3.14 12.28 -22.70
N ARG B 226 -4.37 12.42 -22.21
CA ARG B 226 -5.24 13.58 -22.48
C ARG B 226 -5.55 14.29 -21.16
N GLN B 227 -5.47 15.60 -21.16
CA GLN B 227 -5.72 16.42 -19.97
C GLN B 227 -6.65 17.56 -20.36
N GLN B 228 -7.62 17.86 -19.51
CA GLN B 228 -8.44 19.09 -19.57
C GLN B 228 -8.25 19.82 -18.24
N LEU B 229 -7.92 21.10 -18.29
CA LEU B 229 -7.85 21.99 -17.10
C LEU B 229 -9.08 22.89 -17.11
N LEU B 230 -9.91 22.81 -16.07
CA LEU B 230 -11.16 23.59 -15.98
C LEU B 230 -11.10 24.44 -14.72
N PRO B 231 -11.56 25.71 -14.78
CA PRO B 231 -11.52 26.57 -13.61
C PRO B 231 -12.57 26.00 -12.65
N THR B 232 -12.27 26.15 -11.38
CA THR B 232 -13.15 25.81 -10.27
C THR B 232 -13.76 27.16 -9.88
N THR B 233 -14.97 27.18 -9.32
CA THR B 233 -15.72 28.43 -9.11
C THR B 233 -16.50 28.33 -7.79
N HIS B 234 -16.81 29.45 -7.14
CA HIS B 234 -17.75 29.49 -5.98
C HIS B 234 -18.81 30.60 -6.18
N THR B 235 -19.98 30.43 -5.55
CA THR B 235 -21.13 31.37 -5.60
C THR B 235 -20.88 32.60 -4.71
N GLY B 236 -19.91 32.53 -3.81
CA GLY B 236 -19.49 33.64 -2.94
C GLY B 236 -18.04 34.02 -3.14
N THR B 237 -17.62 35.14 -2.55
CA THR B 237 -16.21 35.63 -2.62
C THR B 237 -15.39 34.75 -1.66
N LEU B 238 -14.16 34.39 -2.05
CA LEU B 238 -13.23 33.59 -1.22
C LEU B 238 -11.89 34.34 -1.17
N ARG B 239 -11.24 34.35 -0.02
CA ARG B 239 -9.98 35.09 0.21
C ARG B 239 -8.82 34.09 0.14
N SER B 240 -7.81 34.38 -0.66
CA SER B 240 -6.56 33.57 -0.78
C SER B 240 -5.48 34.18 0.10
N ALA B 241 -5.20 33.57 1.25
CA ALA B 241 -4.09 33.99 2.13
C ALA B 241 -2.75 33.73 1.41
N SER B 242 -2.71 32.77 0.49
CA SER B 242 -1.48 32.33 -0.24
C SER B 242 -1.03 33.42 -1.20
N LEU B 243 -1.94 33.95 -1.99
CA LEU B 243 -1.64 35.00 -3.01
C LEU B 243 -2.11 36.35 -2.47
N GLY B 244 -2.66 36.42 -1.26
CA GLY B 244 -3.20 37.67 -0.68
C GLY B 244 -4.16 38.37 -1.64
N ARG B 245 -5.13 37.65 -2.19
CA ARG B 245 -6.14 38.21 -3.13
C ARG B 245 -7.54 37.75 -2.73
N GLU B 246 -8.53 38.64 -2.84
CA GLU B 246 -9.98 38.31 -2.76
C GLU B 246 -10.41 37.81 -4.13
N VAL B 247 -11.19 36.74 -4.19
CA VAL B 247 -11.67 36.11 -5.45
C VAL B 247 -13.18 36.23 -5.46
N PRO B 248 -13.74 37.11 -6.32
CA PRO B 248 -15.19 37.33 -6.35
C PRO B 248 -15.87 36.15 -7.04
N ALA B 249 -17.13 35.91 -6.68
CA ALA B 249 -17.99 34.86 -7.28
C ALA B 249 -17.79 34.86 -8.80
N GLY B 250 -17.48 33.69 -9.38
CA GLY B 250 -17.35 33.48 -10.83
C GLY B 250 -15.91 33.60 -11.31
N HIS B 251 -15.00 34.16 -10.52
CA HIS B 251 -13.55 34.11 -10.84
C HIS B 251 -13.04 32.71 -10.49
N ALA B 252 -11.93 32.29 -11.10
CA ALA B 252 -11.33 30.96 -10.84
C ALA B 252 -10.85 30.90 -9.38
N THR B 253 -11.38 29.95 -8.61
CA THR B 253 -10.91 29.69 -7.22
C THR B 253 -9.77 28.65 -7.25
N GLY B 254 -9.40 28.21 -8.46
CA GLY B 254 -8.40 27.15 -8.72
C GLY B 254 -8.77 26.33 -9.95
N MET B 255 -8.36 25.07 -9.99
CA MET B 255 -8.33 24.26 -11.22
C MET B 255 -8.78 22.83 -10.89
N LYS B 256 -9.62 22.24 -11.72
CA LYS B 256 -9.80 20.78 -11.80
C LYS B 256 -9.04 20.29 -13.02
N ALA B 257 -8.09 19.37 -12.82
CA ALA B 257 -7.41 18.66 -13.93
C ALA B 257 -8.11 17.32 -14.08
N VAL B 258 -8.48 16.96 -15.31
CA VAL B 258 -8.89 15.58 -15.66
C VAL B 258 -7.78 15.04 -16.55
N VAL B 259 -7.09 13.98 -16.12
CA VAL B 259 -6.03 13.31 -16.91
C VAL B 259 -6.50 11.89 -17.22
N VAL B 260 -6.52 11.54 -18.49
CA VAL B 260 -6.78 10.15 -18.92
C VAL B 260 -5.50 9.60 -19.52
N THR B 261 -4.89 8.63 -18.84
CA THR B 261 -3.67 7.91 -19.27
C THR B 261 -4.05 6.56 -19.89
N GLU B 262 -3.83 6.45 -21.20
CA GLU B 262 -4.12 5.22 -21.97
C GLU B 262 -2.83 4.41 -22.08
N THR B 263 -2.89 3.11 -21.89
CA THR B 263 -1.71 2.21 -21.96
C THR B 263 -1.80 1.38 -23.23
N HIS B 264 -0.64 0.94 -23.72
CA HIS B 264 -0.55 -0.08 -24.80
C HIS B 264 -1.25 -1.37 -24.34
N GLU B 265 -1.09 -1.75 -23.07
CA GLU B 265 -1.55 -3.05 -22.53
C GLU B 265 -3.08 -3.11 -22.48
N GLY B 266 -3.77 -1.97 -22.40
CA GLY B 266 -5.24 -1.94 -22.35
C GLY B 266 -5.75 -1.05 -21.22
N PRO B 267 -5.33 -1.28 -19.96
CA PRO B 267 -5.86 -0.49 -18.85
C PRO B 267 -5.69 1.04 -19.04
N VAL B 268 -6.64 1.80 -18.47
CA VAL B 268 -6.55 3.29 -18.47
C VAL B 268 -6.63 3.80 -17.03
N ILE B 269 -5.93 4.91 -16.80
CA ILE B 269 -5.89 5.60 -15.48
C ILE B 269 -6.53 6.95 -15.72
N GLU B 270 -7.67 7.18 -15.08
CA GLU B 270 -8.40 8.46 -15.14
C GLU B 270 -8.31 9.11 -13.75
N THR B 271 -7.73 10.29 -13.66
CA THR B 271 -7.48 10.98 -12.37
C THR B 271 -7.99 12.38 -12.47
N HIS B 272 -8.86 12.71 -11.53
CA HIS B 272 -9.44 14.05 -11.34
C HIS B 272 -8.71 14.67 -10.17
N CYS B 273 -8.09 15.82 -10.38
CA CYS B 273 -7.17 16.46 -9.43
C CYS B 273 -7.60 17.91 -9.27
N VAL B 274 -8.10 18.27 -8.09
CA VAL B 274 -8.69 19.61 -7.84
C VAL B 274 -7.83 20.33 -6.81
N GLY B 275 -7.27 21.48 -7.18
CA GLY B 275 -6.61 22.41 -6.27
C GLY B 275 -7.36 23.71 -6.31
N LYS B 276 -7.93 24.14 -5.19
CA LYS B 276 -8.74 25.36 -5.14
C LYS B 276 -8.84 25.91 -3.72
N LEU B 277 -9.36 27.14 -3.62
CA LEU B 277 -9.86 27.72 -2.35
C LEU B 277 -11.12 26.95 -1.97
N TYR B 278 -11.31 26.73 -0.67
CA TYR B 278 -12.43 25.93 -0.12
C TYR B 278 -13.54 26.87 0.35
N ALA B 279 -14.78 26.59 -0.05
CA ALA B 279 -15.99 27.14 0.58
C ALA B 279 -16.13 26.43 1.93
N PRO B 280 -16.91 27.00 2.89
CA PRO B 280 -17.03 26.39 4.21
C PRO B 280 -17.53 24.95 4.08
N GLY B 281 -16.91 24.01 4.81
CA GLY B 281 -17.30 22.59 4.86
C GLY B 281 -16.64 21.71 3.79
N GLU B 282 -15.85 22.30 2.89
CA GLU B 282 -15.08 21.51 1.90
C GLU B 282 -13.82 20.98 2.58
N VAL B 283 -13.32 19.83 2.16
CA VAL B 283 -12.15 19.16 2.78
C VAL B 283 -11.31 18.51 1.69
N ASP B 284 -10.08 18.14 2.03
CA ASP B 284 -9.21 17.35 1.13
C ASP B 284 -9.90 16.01 0.84
N LEU B 285 -9.64 15.49 -0.37
CA LEU B 285 -10.20 14.22 -0.84
C LEU B 285 -9.05 13.36 -1.36
N ASN B 286 -9.19 12.06 -1.16
CA ASN B 286 -8.36 11.07 -1.90
C ASN B 286 -9.20 9.80 -1.94
N GLU B 287 -9.77 9.50 -3.10
CA GLU B 287 -10.62 8.31 -3.32
C GLU B 287 -10.25 7.70 -4.67
N TRP B 288 -9.96 6.40 -4.68
CA TRP B 288 -9.53 5.65 -5.88
C TRP B 288 -10.37 4.40 -6.01
N THR B 289 -10.74 4.06 -7.23
CA THR B 289 -11.37 2.77 -7.54
C THR B 289 -10.51 2.06 -8.58
N LEU B 290 -10.20 0.79 -8.33
CA LEU B 290 -9.68 -0.17 -9.33
C LEU B 290 -10.90 -0.85 -9.90
N ARG B 291 -11.25 -0.59 -11.15
CA ARG B 291 -12.38 -1.23 -11.86
C ARG B 291 -11.86 -2.45 -12.62
N GLY B 292 -12.50 -3.59 -12.41
CA GLY B 292 -12.07 -4.85 -13.05
C GLY B 292 -12.61 -6.02 -12.27
N GLU B 293 -11.75 -6.96 -11.92
CA GLU B 293 -12.13 -8.09 -11.06
C GLU B 293 -11.14 -8.16 -9.90
N PRO B 294 -11.60 -7.91 -8.67
CA PRO B 294 -12.91 -7.33 -8.40
C PRO B 294 -12.80 -5.82 -8.54
N ASP B 295 -13.91 -5.10 -8.34
CA ASP B 295 -13.93 -3.63 -8.13
C ASP B 295 -13.51 -3.36 -6.68
N THR B 296 -12.52 -2.47 -6.48
CA THR B 296 -12.09 -2.05 -5.12
C THR B 296 -12.10 -0.52 -5.07
N THR B 297 -12.78 0.07 -4.09
CA THR B 297 -12.72 1.51 -3.81
C THR B 297 -12.01 1.73 -2.47
N VAL B 298 -11.02 2.62 -2.45
CA VAL B 298 -10.31 3.08 -1.23
C VAL B 298 -10.63 4.56 -1.03
N THR B 299 -10.94 4.92 0.21
CA THR B 299 -11.18 6.32 0.62
C THR B 299 -10.25 6.63 1.78
N ILE B 300 -9.49 7.70 1.66
CA ILE B 300 -8.80 8.32 2.82
C ILE B 300 -9.77 9.40 3.30
N ARG B 301 -10.20 9.30 4.56
CA ARG B 301 -11.17 10.27 5.16
C ARG B 301 -10.39 11.55 5.53
N GLN B 302 -10.55 12.63 4.77
CA GLN B 302 -9.96 13.96 5.07
C GLN B 302 -8.46 13.82 5.25
N PRO B 303 -7.71 13.41 4.22
CA PRO B 303 -6.25 13.35 4.35
C PRO B 303 -5.67 14.68 4.87
N ALA B 304 -4.72 14.58 5.81
CA ALA B 304 -3.94 15.75 6.27
C ALA B 304 -2.78 15.95 5.27
N THR B 305 -3.13 16.36 4.06
CA THR B 305 -2.26 16.37 2.85
C THR B 305 -0.89 16.98 3.21
N PRO B 306 -0.80 18.19 3.80
CA PRO B 306 0.51 18.77 4.13
C PRO B 306 1.37 17.88 5.05
N ALA B 307 0.78 17.37 6.13
CA ALA B 307 1.50 16.51 7.11
C ALA B 307 1.96 15.24 6.43
N LEU B 308 1.11 14.68 5.56
CA LEU B 308 1.39 13.42 4.87
C LEU B 308 2.51 13.65 3.85
N THR B 309 2.50 14.78 3.16
CA THR B 309 3.58 15.14 2.21
C THR B 309 4.91 15.08 2.95
N CYS B 310 5.02 15.83 4.04
CA CYS B 310 6.29 16.02 4.76
C CYS B 310 6.76 14.68 5.37
N ALA B 311 5.85 13.92 5.98
CA ALA B 311 6.21 12.64 6.63
C ALA B 311 6.72 11.61 5.62
N THR B 312 6.19 11.56 4.38
CA THR B 312 6.71 10.55 3.45
C THR B 312 8.11 10.99 2.99
N VAL B 313 8.33 12.28 2.82
CA VAL B 313 9.69 12.76 2.47
C VAL B 313 10.69 12.28 3.53
N LEU B 314 10.41 12.54 4.80
CA LEU B 314 11.31 12.14 5.92
C LEU B 314 11.47 10.61 5.95
N ASN B 315 10.38 9.84 5.78
CA ASN B 315 10.47 8.36 5.86
C ASN B 315 11.31 7.84 4.70
N ARG B 316 11.35 8.56 3.58
CA ARG B 316 12.13 8.14 2.40
C ARG B 316 13.65 8.27 2.64
N LEU B 317 14.10 9.10 3.60
CA LEU B 317 15.51 9.57 3.62
C LEU B 317 16.48 8.38 3.75
N PRO B 318 16.28 7.37 4.64
CA PRO B 318 17.21 6.25 4.70
C PRO B 318 17.28 5.50 3.36
N GLN B 319 16.18 5.38 2.63
CA GLN B 319 16.20 4.69 1.31
C GLN B 319 16.93 5.58 0.29
N LEU B 320 16.76 6.89 0.36
CA LEU B 320 17.48 7.81 -0.54
C LEU B 320 18.99 7.64 -0.35
N LEU B 321 19.47 7.61 0.90
CA LEU B 321 20.91 7.40 1.23
C LEU B 321 21.39 6.06 0.64
N ALA B 322 20.66 4.98 0.88
CA ALA B 322 21.01 3.61 0.46
C ALA B 322 20.90 3.46 -1.06
N ALA B 323 20.03 4.24 -1.74
CA ALA B 323 19.73 4.04 -3.18
C ALA B 323 21.01 4.16 -4.00
N PRO B 324 21.10 3.51 -5.18
CA PRO B 324 22.20 3.79 -6.09
C PRO B 324 22.18 5.23 -6.59
N PRO B 325 23.34 5.73 -7.06
CA PRO B 325 23.43 7.08 -7.59
C PRO B 325 22.60 7.27 -8.86
N GLY B 326 22.24 8.51 -9.16
CA GLY B 326 21.46 8.88 -10.35
C GLY B 326 20.24 9.71 -9.95
N PHE B 327 19.41 10.12 -10.92
CA PHE B 327 18.02 10.52 -10.66
C PHE B 327 17.17 9.25 -10.67
N VAL B 328 16.79 8.82 -9.49
CA VAL B 328 16.11 7.51 -9.26
C VAL B 328 14.71 7.82 -8.72
N THR B 329 13.70 7.74 -9.58
CA THR B 329 12.30 7.96 -9.17
C THR B 329 11.86 6.81 -8.29
N THR B 330 10.89 7.07 -7.44
CA THR B 330 10.51 6.17 -6.31
C THR B 330 9.78 4.92 -6.81
N ASP B 331 9.34 4.89 -8.07
CA ASP B 331 8.83 3.64 -8.69
C ASP B 331 9.93 2.56 -8.63
N ARG B 332 11.21 2.91 -8.56
CA ARG B 332 12.33 1.93 -8.46
C ARG B 332 12.66 1.62 -7.00
N PHE B 333 11.97 2.24 -6.04
CA PHE B 333 12.21 1.97 -4.61
C PHE B 333 11.13 1.01 -4.16
N THR B 334 11.36 0.25 -3.08
CA THR B 334 10.28 -0.40 -2.31
C THR B 334 9.50 0.71 -1.63
N PRO B 335 8.23 0.50 -1.20
CA PRO B 335 7.42 1.58 -0.67
C PRO B 335 8.11 2.22 0.55
N ALA B 336 7.80 3.47 0.83
CA ALA B 336 8.31 4.19 2.01
C ALA B 336 7.90 3.39 3.24
N THR B 337 8.78 3.23 4.20
CA THR B 337 8.48 2.56 5.48
C THR B 337 8.54 3.59 6.60
N TYR B 338 7.70 3.42 7.61
CA TYR B 338 7.77 4.25 8.84
C TYR B 338 9.18 4.15 9.43
N VAL B 339 9.85 5.28 9.59
CA VAL B 339 11.17 5.34 10.29
C VAL B 339 10.92 6.08 11.61
N SER B 340 11.34 5.49 12.71
CA SER B 340 11.22 6.07 14.06
C SER B 340 12.25 7.18 14.24
N ARG B 341 13.50 6.93 13.82
CA ARG B 341 14.61 7.88 14.02
C ARG B 341 15.36 8.07 12.70
N LEU B 342 15.52 9.33 12.26
CA LEU B 342 16.34 9.74 11.11
C LEU B 342 17.82 9.79 11.51
N GLU B 343 18.40 8.62 11.71
CA GLU B 343 19.82 8.46 12.07
C GLU B 343 20.39 7.46 11.08
N THR B 344 21.70 7.41 10.96
CA THR B 344 22.45 6.58 10.01
C THR B 344 23.73 6.09 10.70
N GLU B 345 24.33 5.00 10.24
CA GLU B 345 25.44 4.27 10.92
C GLU B 345 26.70 5.16 10.92
PA NAP C . 5.96 28.30 -0.31
O1A NAP C . 5.19 28.51 1.03
O2A NAP C . 6.03 29.34 -1.41
O5B NAP C . 7.52 28.07 0.14
C5B NAP C . 8.59 27.79 -0.77
C4B NAP C . 9.79 28.67 -0.40
O4B NAP C . 10.83 28.58 -1.37
C3B NAP C . 9.36 30.13 -0.39
O3B NAP C . 9.92 30.68 0.81
C2B NAP C . 9.90 30.67 -1.70
O2B NAP C . 10.17 32.06 -1.74
C1B NAP C . 11.18 29.89 -1.79
N9A NAP C . 11.76 29.70 -3.13
C8A NAP C . 11.14 29.50 -4.33
N7A NAP C . 12.08 29.29 -5.29
C5A NAP C . 13.30 29.33 -4.71
C6A NAP C . 14.70 29.16 -5.11
N6A NAP C . 15.04 28.93 -6.37
N1A NAP C . 15.63 29.25 -4.17
C2A NAP C . 15.34 29.51 -2.88
N3A NAP C . 14.10 29.68 -2.42
C4A NAP C . 13.07 29.59 -3.27
O3 NAP C . 5.43 26.92 -1.04
PN NAP C . 5.15 25.47 -0.30
O1N NAP C . 3.64 25.39 -0.16
O2N NAP C . 6.06 25.31 0.93
O5D NAP C . 5.53 24.34 -1.41
C5D NAP C . 6.77 24.26 -2.11
C4D NAP C . 6.56 23.62 -3.50
O4D NAP C . 6.30 22.20 -3.39
C3D NAP C . 5.36 24.23 -4.23
O3D NAP C . 5.62 24.33 -5.65
C2D NAP C . 4.24 23.27 -3.96
O2D NAP C . 3.33 23.16 -5.05
C1D NAP C . 4.98 21.94 -3.81
N1N NAP C . 4.28 21.00 -2.91
C2N NAP C . 4.36 19.69 -3.25
C3N NAP C . 3.76 18.69 -2.50
C7N NAP C . 3.87 17.19 -2.87
O7N NAP C . 3.13 16.37 -2.33
N7N NAP C . 4.79 16.71 -3.70
C4N NAP C . 3.10 19.13 -1.31
C5N NAP C . 3.05 20.49 -0.96
C6N NAP C . 3.63 21.42 -1.78
P2B NAP C . 9.11 33.12 -2.38
O1X NAP C . 9.85 34.43 -2.21
O2X NAP C . 8.95 32.60 -3.81
O3X NAP C . 7.82 33.02 -1.58
C1 HAI D . 1.21 18.81 -3.44
C2 HAI D . 0.06 19.67 -2.98
C3 HAI D . -1.16 18.78 -2.77
C4 HAI D . -1.26 17.73 -3.85
C5 HAI D . -0.11 16.75 -3.75
C6 HAI D . 1.05 17.38 -2.99
N HAI D . 1.29 18.85 -4.93
#